data_2V7R
# 
_entry.id   2V7R 
# 
_audit_conform.dict_name       mmcif_pdbx.dic 
_audit_conform.dict_version    5.391 
_audit_conform.dict_location   http://mmcif.pdb.org/dictionaries/ascii/mmcif_pdbx.dic 
# 
loop_
_database_2.database_id 
_database_2.database_code 
_database_2.pdbx_database_accession 
_database_2.pdbx_DOI 
PDB   2V7R         pdb_00002v7r 10.2210/pdb2v7r/pdb 
PDBE  EBI-33329    ?            ?                   
WWPDB D_1290033329 ?            ?                   
# 
loop_
_pdbx_audit_revision_history.ordinal 
_pdbx_audit_revision_history.data_content_type 
_pdbx_audit_revision_history.major_revision 
_pdbx_audit_revision_history.minor_revision 
_pdbx_audit_revision_history.revision_date 
1 'Structure model' 1 0 2008-03-18 
2 'Structure model' 1 1 2011-05-08 
3 'Structure model' 1 2 2011-07-13 
4 'Structure model' 1 3 2019-07-24 
5 'Structure model' 1 4 2024-05-08 
# 
_pdbx_audit_revision_details.ordinal             1 
_pdbx_audit_revision_details.revision_ordinal    1 
_pdbx_audit_revision_details.data_content_type   'Structure model' 
_pdbx_audit_revision_details.provider            repository 
_pdbx_audit_revision_details.type                'Initial release' 
_pdbx_audit_revision_details.description         ? 
_pdbx_audit_revision_details.details             ? 
# 
loop_
_pdbx_audit_revision_group.ordinal 
_pdbx_audit_revision_group.revision_ordinal 
_pdbx_audit_revision_group.data_content_type 
_pdbx_audit_revision_group.group 
1 2 'Structure model' 'Version format compliance' 
2 3 'Structure model' 'Version format compliance' 
3 4 'Structure model' 'Data collection'           
4 5 'Structure model' 'Data collection'           
5 5 'Structure model' 'Database references'       
6 5 'Structure model' Other                       
# 
loop_
_pdbx_audit_revision_category.ordinal 
_pdbx_audit_revision_category.revision_ordinal 
_pdbx_audit_revision_category.data_content_type 
_pdbx_audit_revision_category.category 
1 4 'Structure model' diffrn_source        
2 5 'Structure model' chem_comp_atom       
3 5 'Structure model' chem_comp_bond       
4 5 'Structure model' database_2           
5 5 'Structure model' pdbx_database_status 
# 
loop_
_pdbx_audit_revision_item.ordinal 
_pdbx_audit_revision_item.revision_ordinal 
_pdbx_audit_revision_item.data_content_type 
_pdbx_audit_revision_item.item 
1 4 'Structure model' '_diffrn_source.pdbx_synchrotron_site' 
2 5 'Structure model' '_database_2.pdbx_DOI'                 
3 5 'Structure model' '_database_2.pdbx_database_accession'  
4 5 'Structure model' '_pdbx_database_status.status_code_sf' 
# 
_pdbx_database_status.status_code                     REL 
_pdbx_database_status.entry_id                        2V7R 
_pdbx_database_status.deposit_site                    PDBE 
_pdbx_database_status.process_site                    PDBE 
_pdbx_database_status.SG_entry                        . 
_pdbx_database_status.recvd_initial_deposition_date   2007-08-01 
_pdbx_database_status.pdb_format_compatible           Y 
_pdbx_database_status.status_code_sf                  REL 
_pdbx_database_status.status_code_mr                  ? 
_pdbx_database_status.status_code_cs                  ? 
_pdbx_database_status.methods_development_category    ? 
_pdbx_database_status.status_code_nmr_data            ? 
# 
loop_
_audit_author.name 
_audit_author.pdbx_ordinal 
'Foerster, C.'  1 
'Mankowska, M.' 2 
'Fuerste, J.P.' 3 
'Perbandt, M.'  4 
'Betzel, C.'    5 
'Erdmann, V.A.' 6 
# 
_citation.id                        primary 
_citation.title                     'Crystal Structure of a Human Trnagly Microhelix at 1.2 A Resolution.' 
_citation.journal_abbrev            Biochem.Biophys.Res.Commun. 
_citation.journal_volume            368 
_citation.page_first                996 
_citation.page_last                 ? 
_citation.year                      2008 
_citation.journal_id_ASTM           BBRCA9 
_citation.country                   US 
_citation.journal_id_ISSN           0006-291X 
_citation.journal_id_CSD            0146 
_citation.book_publisher            ? 
_citation.pdbx_database_id_PubMed   18279665 
_citation.pdbx_database_id_DOI      10.1016/J.BBRC.2008.01.175 
# 
loop_
_citation_author.citation_id 
_citation_author.name 
_citation_author.ordinal 
_citation_author.identifier_ORCID 
primary 'Foerster, C.'  1 ? 
primary 'Mankowska, M.' 2 ? 
primary 'Fuerste, J.P.' 3 ? 
primary 'Perbandt, M.'  4 ? 
primary 'Betzel, C.'    5 ? 
primary 'Erdmann, V.A.' 6 ? 
# 
loop_
_entity.id 
_entity.type 
_entity.src_method 
_entity.pdbx_description 
_entity.formula_weight 
_entity.pdbx_number_of_molecules 
_entity.pdbx_ec 
_entity.pdbx_mutation 
_entity.pdbx_fragment 
_entity.details 
1 polymer syn 'HUMAN TRNAGLY MICROHELIX' 2253.379 1  ? ? ? ? 
2 polymer syn 'HUMAN TRNAGLY MICROHELIX' 2179.387 1  ? ? ? ? 
3 water   nat water                      18.015   85 ? ? ? ? 
# 
loop_
_entity_poly.entity_id 
_entity_poly.type 
_entity_poly.nstd_linkage 
_entity_poly.nstd_monomer 
_entity_poly.pdbx_seq_one_letter_code 
_entity_poly.pdbx_seq_one_letter_code_can 
_entity_poly.pdbx_strand_id 
_entity_poly.pdbx_target_identifier 
1 polyribonucleotide no no GCGUUGG GCGUUGG A ? 
2 polyribonucleotide no no CCAACGC CCAACGC B ? 
# 
_pdbx_entity_nonpoly.entity_id   3 
_pdbx_entity_nonpoly.name        water 
_pdbx_entity_nonpoly.comp_id     HOH 
# 
loop_
_entity_poly_seq.entity_id 
_entity_poly_seq.num 
_entity_poly_seq.mon_id 
_entity_poly_seq.hetero 
1 1 G n 
1 2 C n 
1 3 G n 
1 4 U n 
1 5 U n 
1 6 G n 
1 7 G n 
2 1 C n 
2 2 C n 
2 3 A n 
2 4 A n 
2 5 C n 
2 6 G n 
2 7 C n 
# 
loop_
_pdbx_entity_src_syn.entity_id 
_pdbx_entity_src_syn.pdbx_src_id 
_pdbx_entity_src_syn.pdbx_alt_source_flag 
_pdbx_entity_src_syn.pdbx_beg_seq_num 
_pdbx_entity_src_syn.pdbx_end_seq_num 
_pdbx_entity_src_syn.organism_scientific 
_pdbx_entity_src_syn.organism_common_name 
_pdbx_entity_src_syn.ncbi_taxonomy_id 
_pdbx_entity_src_syn.details 
1 1 sample ? ? 'HOMO SAPIENS' HUMAN 9606 ? 
2 1 sample ? ? 'HOMO SAPIENS' HUMAN 9606 ? 
# 
loop_
_chem_comp.id 
_chem_comp.type 
_chem_comp.mon_nstd_flag 
_chem_comp.name 
_chem_comp.pdbx_synonyms 
_chem_comp.formula 
_chem_comp.formula_weight 
A   'RNA linking' y "ADENOSINE-5'-MONOPHOSPHATE" ? 'C10 H14 N5 O7 P' 347.221 
C   'RNA linking' y "CYTIDINE-5'-MONOPHOSPHATE"  ? 'C9 H14 N3 O8 P'  323.197 
G   'RNA linking' y "GUANOSINE-5'-MONOPHOSPHATE" ? 'C10 H14 N5 O8 P' 363.221 
HOH non-polymer   . WATER                        ? 'H2 O'            18.015  
U   'RNA linking' y "URIDINE-5'-MONOPHOSPHATE"   ? 'C9 H13 N2 O9 P'  324.181 
# 
loop_
_pdbx_poly_seq_scheme.asym_id 
_pdbx_poly_seq_scheme.entity_id 
_pdbx_poly_seq_scheme.seq_id 
_pdbx_poly_seq_scheme.mon_id 
_pdbx_poly_seq_scheme.ndb_seq_num 
_pdbx_poly_seq_scheme.pdb_seq_num 
_pdbx_poly_seq_scheme.auth_seq_num 
_pdbx_poly_seq_scheme.pdb_mon_id 
_pdbx_poly_seq_scheme.auth_mon_id 
_pdbx_poly_seq_scheme.pdb_strand_id 
_pdbx_poly_seq_scheme.pdb_ins_code 
_pdbx_poly_seq_scheme.hetero 
A 1 1 G 1 1  1  G G A . n 
A 1 2 C 2 2  2  C C A . n 
A 1 3 G 3 3  3  G G A . n 
A 1 4 U 4 4  4  U U A . n 
A 1 5 U 5 5  5  U U A . n 
A 1 6 G 6 6  6  G G A . n 
A 1 7 G 7 7  7  G G A . n 
B 2 1 C 1 66 66 C C B . n 
B 2 2 C 2 67 67 C C B . n 
B 2 3 A 3 68 68 A A B . n 
B 2 4 A 4 69 69 A A B . n 
B 2 5 C 5 70 70 C C B . n 
B 2 6 G 6 71 71 G G B . n 
B 2 7 C 7 72 72 C C B . n 
# 
loop_
_pdbx_nonpoly_scheme.asym_id 
_pdbx_nonpoly_scheme.entity_id 
_pdbx_nonpoly_scheme.mon_id 
_pdbx_nonpoly_scheme.ndb_seq_num 
_pdbx_nonpoly_scheme.pdb_seq_num 
_pdbx_nonpoly_scheme.auth_seq_num 
_pdbx_nonpoly_scheme.pdb_mon_id 
_pdbx_nonpoly_scheme.auth_mon_id 
_pdbx_nonpoly_scheme.pdb_strand_id 
_pdbx_nonpoly_scheme.pdb_ins_code 
C 3 HOH 1  2001 2001 HOH HOH A . 
C 3 HOH 2  2002 2002 HOH HOH A . 
C 3 HOH 3  2003 2003 HOH HOH A . 
C 3 HOH 4  2004 2004 HOH HOH A . 
C 3 HOH 5  2005 2005 HOH HOH A . 
C 3 HOH 6  2006 2006 HOH HOH A . 
C 3 HOH 7  2007 2007 HOH HOH A . 
C 3 HOH 8  2008 2008 HOH HOH A . 
C 3 HOH 9  2009 2009 HOH HOH A . 
C 3 HOH 10 2010 2010 HOH HOH A . 
C 3 HOH 11 2011 2011 HOH HOH A . 
C 3 HOH 12 2012 2012 HOH HOH A . 
C 3 HOH 13 2013 2013 HOH HOH A . 
C 3 HOH 14 2014 2014 HOH HOH A . 
C 3 HOH 15 2015 2015 HOH HOH A . 
C 3 HOH 16 2016 2016 HOH HOH A . 
C 3 HOH 17 2017 2017 HOH HOH A . 
C 3 HOH 18 2018 2018 HOH HOH A . 
C 3 HOH 19 2019 2019 HOH HOH A . 
C 3 HOH 20 2020 2020 HOH HOH A . 
C 3 HOH 21 2021 2021 HOH HOH A . 
C 3 HOH 22 2022 2022 HOH HOH A . 
C 3 HOH 23 2023 2023 HOH HOH A . 
C 3 HOH 24 2024 2024 HOH HOH A . 
C 3 HOH 25 2025 2025 HOH HOH A . 
C 3 HOH 26 2026 2026 HOH HOH A . 
C 3 HOH 27 2027 2027 HOH HOH A . 
C 3 HOH 28 2028 2028 HOH HOH A . 
C 3 HOH 29 2029 2029 HOH HOH A . 
C 3 HOH 30 2030 2030 HOH HOH A . 
C 3 HOH 31 2031 2031 HOH HOH A . 
C 3 HOH 32 2032 2032 HOH HOH A . 
C 3 HOH 33 2033 2033 HOH HOH A . 
C 3 HOH 34 2034 2034 HOH HOH A . 
C 3 HOH 35 2035 2035 HOH HOH A . 
C 3 HOH 36 2036 2036 HOH HOH A . 
C 3 HOH 37 2037 2037 HOH HOH A . 
C 3 HOH 38 2038 2038 HOH HOH A . 
C 3 HOH 39 2039 2039 HOH HOH A . 
C 3 HOH 40 2040 2040 HOH HOH A . 
C 3 HOH 41 2041 2041 HOH HOH A . 
C 3 HOH 42 2042 2042 HOH HOH A . 
C 3 HOH 43 2043 2043 HOH HOH A . 
D 3 HOH 1  2001 2001 HOH HOH B . 
D 3 HOH 2  2002 2002 HOH HOH B . 
D 3 HOH 3  2003 2003 HOH HOH B . 
D 3 HOH 4  2004 2004 HOH HOH B . 
D 3 HOH 5  2005 2005 HOH HOH B . 
D 3 HOH 6  2006 2006 HOH HOH B . 
D 3 HOH 7  2007 2007 HOH HOH B . 
D 3 HOH 8  2008 2008 HOH HOH B . 
D 3 HOH 9  2009 2009 HOH HOH B . 
D 3 HOH 10 2010 2010 HOH HOH B . 
D 3 HOH 11 2011 2011 HOH HOH B . 
D 3 HOH 12 2012 2012 HOH HOH B . 
D 3 HOH 13 2013 2013 HOH HOH B . 
D 3 HOH 14 2014 2014 HOH HOH B . 
D 3 HOH 15 2015 2015 HOH HOH B . 
D 3 HOH 16 2016 2016 HOH HOH B . 
D 3 HOH 17 2017 2017 HOH HOH B . 
D 3 HOH 18 2018 2018 HOH HOH B . 
D 3 HOH 19 2019 2019 HOH HOH B . 
D 3 HOH 20 2020 2020 HOH HOH B . 
D 3 HOH 21 2021 2021 HOH HOH B . 
D 3 HOH 22 2022 2022 HOH HOH B . 
D 3 HOH 23 2023 2023 HOH HOH B . 
D 3 HOH 24 2024 2024 HOH HOH B . 
D 3 HOH 25 2025 2025 HOH HOH B . 
D 3 HOH 26 2026 2026 HOH HOH B . 
D 3 HOH 27 2027 2027 HOH HOH B . 
D 3 HOH 28 2028 2028 HOH HOH B . 
D 3 HOH 29 2029 2029 HOH HOH B . 
D 3 HOH 30 2030 2030 HOH HOH B . 
D 3 HOH 31 2031 2031 HOH HOH B . 
D 3 HOH 32 2032 2032 HOH HOH B . 
D 3 HOH 33 2033 2033 HOH HOH B . 
D 3 HOH 34 2034 2034 HOH HOH B . 
D 3 HOH 35 2035 2035 HOH HOH B . 
D 3 HOH 36 2036 2036 HOH HOH B . 
D 3 HOH 37 2037 2037 HOH HOH B . 
D 3 HOH 38 2038 2038 HOH HOH B . 
D 3 HOH 39 2039 2039 HOH HOH B . 
D 3 HOH 40 2040 2040 HOH HOH B . 
D 3 HOH 41 2041 2041 HOH HOH B . 
D 3 HOH 42 2042 2042 HOH HOH B . 
# 
_software.name             REFMAC 
_software.classification   refinement 
_software.version          5.2.0019 
_software.citation_id      ? 
_software.pdbx_ordinal     1 
# 
_cell.entry_id           2V7R 
_cell.length_a           37.120 
_cell.length_b           37.491 
_cell.length_c           30.379 
_cell.angle_alpha        90.00 
_cell.angle_beta         113.02 
_cell.angle_gamma        90.00 
_cell.Z_PDB              4 
_cell.pdbx_unique_axis   ? 
# 
_symmetry.entry_id                         2V7R 
_symmetry.space_group_name_H-M             'C 1 2 1' 
_symmetry.pdbx_full_space_group_name_H-M   ? 
_symmetry.cell_setting                     ? 
_symmetry.Int_Tables_number                5 
# 
_exptl.entry_id          2V7R 
_exptl.method            'X-RAY DIFFRACTION' 
_exptl.crystals_number   ? 
# 
_exptl_crystal.id                    1 
_exptl_crystal.density_meas          ? 
_exptl_crystal.density_Matthews      2.33 
_exptl_crystal.density_percent_sol   59.4 
_exptl_crystal.description           NONE 
# 
_exptl_crystal_grow.crystal_id      1 
_exptl_crystal_grow.method          ? 
_exptl_crystal_grow.temp            ? 
_exptl_crystal_grow.temp_details    ? 
_exptl_crystal_grow.pH              ? 
_exptl_crystal_grow.pdbx_pH_range   ? 
_exptl_crystal_grow.pdbx_details    
;40 MM SODIUM CACODYLATE, PH 6.0, 12 MM SPERMINE TETRA-HCL, 12 MM SODIUM CHLORIDE, 80 MM POTASSIUM CHLORIDE, 10% (V/V) MPD, EQUILIBRATED AGAINST 35% (V/V) MPD AT ROOM TEMPERATURE
;
# 
_diffrn.id                     1 
_diffrn.ambient_temp           100 
_diffrn.ambient_temp_details   ? 
_diffrn.crystal_id             1 
# 
_diffrn_detector.diffrn_id              1 
_diffrn_detector.detector               CCD 
_diffrn_detector.type                   MARRESEARCH 
_diffrn_detector.pdbx_collection_date   ? 
_diffrn_detector.details                ? 
# 
_diffrn_radiation.diffrn_id                        1 
_diffrn_radiation.wavelength_id                    1 
_diffrn_radiation.pdbx_monochromatic_or_laue_m_l   M 
_diffrn_radiation.monochromator                    ? 
_diffrn_radiation.pdbx_diffrn_protocol             'SINGLE WAVELENGTH' 
_diffrn_radiation.pdbx_scattering_type             x-ray 
# 
_diffrn_radiation_wavelength.id           1 
_diffrn_radiation_wavelength.wavelength   0.8148 
_diffrn_radiation_wavelength.wt           1.0 
# 
_diffrn_source.diffrn_id                   1 
_diffrn_source.source                      SYNCHROTRON 
_diffrn_source.type                        'EMBL/DESY, HAMBURG BEAMLINE X13' 
_diffrn_source.pdbx_synchrotron_site       'EMBL/DESY, HAMBURG' 
_diffrn_source.pdbx_synchrotron_beamline   X13 
_diffrn_source.pdbx_wavelength             0.8148 
_diffrn_source.pdbx_wavelength_list        ? 
# 
_reflns.pdbx_diffrn_id               1 
_reflns.pdbx_ordinal                 1 
_reflns.entry_id                     2V7R 
_reflns.observed_criterion_sigma_I   2.0 
_reflns.observed_criterion_sigma_F   ? 
_reflns.d_resolution_low             50.00 
_reflns.d_resolution_high            1.20 
_reflns.number_obs                   11547 
_reflns.number_all                   ? 
_reflns.percent_possible_obs         95.3 
_reflns.pdbx_Rmerge_I_obs            0.05 
_reflns.pdbx_Rsym_value              ? 
_reflns.pdbx_netI_over_sigmaI        18.10 
_reflns.B_iso_Wilson_estimate        ? 
_reflns.pdbx_redundancy              7.2 
# 
_reflns_shell.pdbx_diffrn_id         1 
_reflns_shell.pdbx_ordinal           1 
_reflns_shell.d_res_high             1.20 
_reflns_shell.d_res_low              1.22 
_reflns_shell.percent_possible_all   93.7 
_reflns_shell.Rmerge_I_obs           0.24 
_reflns_shell.pdbx_Rsym_value        ? 
_reflns_shell.meanI_over_sigI_obs    ? 
_reflns_shell.pdbx_redundancy        7.6 
# 
_refine.pdbx_refine_id                           'X-RAY DIFFRACTION' 
_refine.entry_id                                 2V7R 
_refine.pdbx_diffrn_id                           1 
_refine.pdbx_TLS_residual_ADP_flag               ? 
_refine.ls_number_reflns_obs                     10934 
_refine.ls_number_reflns_all                     ? 
_refine.pdbx_ls_sigma_I                          ? 
_refine.pdbx_ls_sigma_F                          ? 
_refine.pdbx_data_cutoff_high_absF               ? 
_refine.pdbx_data_cutoff_low_absF                ? 
_refine.pdbx_data_cutoff_high_rms_absF           ? 
_refine.ls_d_res_low                             14.08 
_refine.ls_d_res_high                            1.20 
_refine.ls_percent_reflns_obs                    95.4 
_refine.ls_R_factor_obs                          0.188 
_refine.ls_R_factor_all                          ? 
_refine.ls_R_factor_R_work                       0.187 
_refine.ls_R_factor_R_free                       0.208 
_refine.ls_R_factor_R_free_error                 ? 
_refine.ls_R_factor_R_free_error_details         ? 
_refine.ls_percent_reflns_R_free                 4.900 
_refine.ls_number_reflns_R_free                  568 
_refine.ls_number_parameters                     ? 
_refine.ls_number_restraints                     ? 
_refine.occupancy_min                            ? 
_refine.occupancy_max                            ? 
_refine.correlation_coeff_Fo_to_Fc               0.954 
_refine.correlation_coeff_Fo_to_Fc_free          0.944 
_refine.B_iso_mean                               14.82 
_refine.aniso_B[1][1]                            -0.01000 
_refine.aniso_B[2][2]                            -0.03000 
_refine.aniso_B[3][3]                            0.00000 
_refine.aniso_B[1][2]                            0.00000 
_refine.aniso_B[1][3]                            -0.05000 
_refine.aniso_B[2][3]                            0.00000 
_refine.solvent_model_details                    MASK 
_refine.solvent_model_param_ksol                 ? 
_refine.solvent_model_param_bsol                 ? 
_refine.pdbx_solvent_vdw_probe_radii             1.20 
_refine.pdbx_solvent_ion_probe_radii             0.80 
_refine.pdbx_solvent_shrinkage_radii             0.80 
_refine.pdbx_ls_cross_valid_method               THROUGHOUT 
_refine.details                                  'HYDROGENS HAVE BEEN ADDED IN THE RIDING POSITIONS.' 
_refine.pdbx_starting_model                      ? 
_refine.pdbx_method_to_determine_struct          'MOLECULAR REPLACEMENT' 
_refine.pdbx_isotropic_thermal_model             ? 
_refine.pdbx_stereochemistry_target_values       'MAXIMUM LIKELIHOOD' 
_refine.pdbx_stereochem_target_val_spec_case     ? 
_refine.pdbx_R_Free_selection_details            RANDOM 
_refine.pdbx_overall_ESU_R                       0.052 
_refine.pdbx_overall_ESU_R_Free                  0.048 
_refine.overall_SU_ML                            0.029 
_refine.pdbx_overall_phase_error                 ? 
_refine.overall_SU_B                             1.421 
_refine.overall_SU_R_Cruickshank_DPI             ? 
_refine.pdbx_overall_SU_R_free_Cruickshank_DPI   ? 
_refine.pdbx_overall_SU_R_Blow_DPI               ? 
_refine.pdbx_overall_SU_R_free_Blow_DPI          ? 
# 
_refine_hist.pdbx_refine_id                   'X-RAY DIFFRACTION' 
_refine_hist.cycle_id                         LAST 
_refine_hist.pdbx_number_atoms_protein        0 
_refine_hist.pdbx_number_atoms_nucleic_acid   293 
_refine_hist.pdbx_number_atoms_ligand         0 
_refine_hist.number_atoms_solvent             85 
_refine_hist.number_atoms_total               378 
_refine_hist.d_res_high                       1.20 
_refine_hist.d_res_low                        14.08 
# 
loop_
_refine_ls_restr.type 
_refine_ls_restr.dev_ideal 
_refine_ls_restr.dev_ideal_target 
_refine_ls_restr.weight 
_refine_ls_restr.number 
_refine_ls_restr.pdbx_refine_id 
_refine_ls_restr.pdbx_restraint_function 
r_bond_refined_d             0.010 0.021 ? 326 'X-RAY DIFFRACTION' ? 
r_bond_other_d               ?     ?     ? ?   'X-RAY DIFFRACTION' ? 
r_angle_refined_deg          1.712 3.000 ? 505 'X-RAY DIFFRACTION' ? 
r_angle_other_deg            ?     ?     ? ?   'X-RAY DIFFRACTION' ? 
r_dihedral_angle_1_deg       ?     ?     ? ?   'X-RAY DIFFRACTION' ? 
r_dihedral_angle_2_deg       ?     ?     ? ?   'X-RAY DIFFRACTION' ? 
r_dihedral_angle_3_deg       ?     ?     ? ?   'X-RAY DIFFRACTION' ? 
r_dihedral_angle_4_deg       ?     ?     ? ?   'X-RAY DIFFRACTION' ? 
r_chiral_restr               0.062 0.200 ? 56  'X-RAY DIFFRACTION' ? 
r_gen_planes_refined         0.014 0.020 ? 145 'X-RAY DIFFRACTION' ? 
r_gen_planes_other           ?     ?     ? ?   'X-RAY DIFFRACTION' ? 
r_nbd_refined                0.165 0.200 ? 126 'X-RAY DIFFRACTION' ? 
r_nbd_other                  ?     ?     ? ?   'X-RAY DIFFRACTION' ? 
r_nbtor_refined              0.274 0.200 ? 226 'X-RAY DIFFRACTION' ? 
r_nbtor_other                ?     ?     ? ?   'X-RAY DIFFRACTION' ? 
r_xyhbond_nbd_refined        0.121 0.200 ? 74  'X-RAY DIFFRACTION' ? 
r_xyhbond_nbd_other          ?     ?     ? ?   'X-RAY DIFFRACTION' ? 
r_metal_ion_refined          ?     ?     ? ?   'X-RAY DIFFRACTION' ? 
r_metal_ion_other            ?     ?     ? ?   'X-RAY DIFFRACTION' ? 
r_symmetry_vdw_refined       0.113 0.200 ? 38  'X-RAY DIFFRACTION' ? 
r_symmetry_vdw_other         ?     ?     ? ?   'X-RAY DIFFRACTION' ? 
r_symmetry_hbond_refined     0.146 0.200 ? 18  'X-RAY DIFFRACTION' ? 
r_symmetry_hbond_other       ?     ?     ? ?   'X-RAY DIFFRACTION' ? 
r_symmetry_metal_ion_refined ?     ?     ? ?   'X-RAY DIFFRACTION' ? 
r_symmetry_metal_ion_other   ?     ?     ? ?   'X-RAY DIFFRACTION' ? 
r_mcbond_it                  ?     ?     ? ?   'X-RAY DIFFRACTION' ? 
r_mcbond_other               ?     ?     ? ?   'X-RAY DIFFRACTION' ? 
r_mcangle_it                 ?     ?     ? ?   'X-RAY DIFFRACTION' ? 
r_mcangle_other              ?     ?     ? ?   'X-RAY DIFFRACTION' ? 
r_scbond_it                  2.395 3.000 ? 468 'X-RAY DIFFRACTION' ? 
r_scbond_other               ?     ?     ? ?   'X-RAY DIFFRACTION' ? 
r_scangle_it                 2.604 4.500 ? 505 'X-RAY DIFFRACTION' ? 
r_scangle_other              ?     ?     ? ?   'X-RAY DIFFRACTION' ? 
r_long_range_B_refined       ?     ?     ? ?   'X-RAY DIFFRACTION' ? 
r_long_range_B_other         ?     ?     ? ?   'X-RAY DIFFRACTION' ? 
r_rigid_bond_restr           ?     ?     ? ?   'X-RAY DIFFRACTION' ? 
r_sphericity_free            ?     ?     ? ?   'X-RAY DIFFRACTION' ? 
r_sphericity_bonded          ?     ?     ? ?   'X-RAY DIFFRACTION' ? 
# 
_refine_ls_shell.pdbx_refine_id                   'X-RAY DIFFRACTION' 
_refine_ls_shell.pdbx_total_number_of_bins_used   20 
_refine_ls_shell.d_res_high                       1.20 
_refine_ls_shell.d_res_low                        1.23 
_refine_ls_shell.number_reflns_R_work             775 
_refine_ls_shell.R_factor_R_work                  0.1880 
_refine_ls_shell.percent_reflns_obs               ? 
_refine_ls_shell.R_factor_R_free                  0.2230 
_refine_ls_shell.R_factor_R_free_error            ? 
_refine_ls_shell.percent_reflns_R_free            ? 
_refine_ls_shell.number_reflns_R_free             40 
_refine_ls_shell.number_reflns_all                ? 
_refine_ls_shell.R_factor_all                     ? 
# 
_struct.entry_id                  2V7R 
_struct.title                     'Crystal structure of a human tRNAGly microhelix at 1.2 Angstrom resolution' 
_struct.pdbx_model_details        ? 
_struct.pdbx_CASP_flag            ? 
_struct.pdbx_model_type_details   ? 
# 
_struct_keywords.entry_id        2V7R 
_struct_keywords.pdbx_keywords   RNA 
_struct_keywords.text            'TRNA, ACCEPTOR STEM, GLYCINE, MICROHELIX, IDENTITY, HYDRATION, RNA' 
# 
loop_
_struct_asym.id 
_struct_asym.pdbx_blank_PDB_chainid_flag 
_struct_asym.pdbx_modified 
_struct_asym.entity_id 
_struct_asym.details 
A N N 1 ? 
B N N 2 ? 
C N N 3 ? 
D N N 3 ? 
# 
loop_
_struct_ref.id 
_struct_ref.db_name 
_struct_ref.db_code 
_struct_ref.entity_id 
_struct_ref.pdbx_seq_one_letter_code 
_struct_ref.pdbx_align_begin 
_struct_ref.pdbx_db_accession 
_struct_ref.pdbx_db_isoform 
1 PDB 2V7R 1 ? ? 2V7R ? 
2 PDB 2V7R 2 ? ? 2V7R ? 
# 
loop_
_struct_ref_seq.align_id 
_struct_ref_seq.ref_id 
_struct_ref_seq.pdbx_PDB_id_code 
_struct_ref_seq.pdbx_strand_id 
_struct_ref_seq.seq_align_beg 
_struct_ref_seq.pdbx_seq_align_beg_ins_code 
_struct_ref_seq.seq_align_end 
_struct_ref_seq.pdbx_seq_align_end_ins_code 
_struct_ref_seq.pdbx_db_accession 
_struct_ref_seq.db_align_beg 
_struct_ref_seq.pdbx_db_align_beg_ins_code 
_struct_ref_seq.db_align_end 
_struct_ref_seq.pdbx_db_align_end_ins_code 
_struct_ref_seq.pdbx_auth_seq_align_beg 
_struct_ref_seq.pdbx_auth_seq_align_end 
1 1 2V7R A 1 ? 7 ? 2V7R 1  ? 7  ? 1  7  
2 2 2V7R B 1 ? 7 ? 2V7R 66 ? 72 ? 66 72 
# 
_pdbx_struct_assembly.id                   1 
_pdbx_struct_assembly.details              software_defined_assembly 
_pdbx_struct_assembly.method_details       PQS 
_pdbx_struct_assembly.oligomeric_details   dimeric 
_pdbx_struct_assembly.oligomeric_count     2 
# 
loop_
_pdbx_struct_assembly_prop.biol_id 
_pdbx_struct_assembly_prop.type 
_pdbx_struct_assembly_prop.value 
_pdbx_struct_assembly_prop.details 
1 'ABSA (A^2)' 770  ? 
1 MORE         0.0  ? 
1 'SSA (A^2)'  3130 ? 
# 
_pdbx_struct_assembly_gen.assembly_id       1 
_pdbx_struct_assembly_gen.oper_expression   1 
_pdbx_struct_assembly_gen.asym_id_list      A,B,C,D 
# 
_pdbx_struct_oper_list.id                   1 
_pdbx_struct_oper_list.type                 'identity operation' 
_pdbx_struct_oper_list.name                 1_555 
_pdbx_struct_oper_list.symmetry_operation   x,y,z 
_pdbx_struct_oper_list.matrix[1][1]         1.0000000000 
_pdbx_struct_oper_list.matrix[1][2]         0.0000000000 
_pdbx_struct_oper_list.matrix[1][3]         0.0000000000 
_pdbx_struct_oper_list.vector[1]            0.0000000000 
_pdbx_struct_oper_list.matrix[2][1]         0.0000000000 
_pdbx_struct_oper_list.matrix[2][2]         1.0000000000 
_pdbx_struct_oper_list.matrix[2][3]         0.0000000000 
_pdbx_struct_oper_list.vector[2]            0.0000000000 
_pdbx_struct_oper_list.matrix[3][1]         0.0000000000 
_pdbx_struct_oper_list.matrix[3][2]         0.0000000000 
_pdbx_struct_oper_list.matrix[3][3]         1.0000000000 
_pdbx_struct_oper_list.vector[3]            0.0000000000 
# 
_struct_biol.id   1 
# 
loop_
_struct_conn.id 
_struct_conn.conn_type_id 
_struct_conn.pdbx_leaving_atom_flag 
_struct_conn.pdbx_PDB_id 
_struct_conn.ptnr1_label_asym_id 
_struct_conn.ptnr1_label_comp_id 
_struct_conn.ptnr1_label_seq_id 
_struct_conn.ptnr1_label_atom_id 
_struct_conn.pdbx_ptnr1_label_alt_id 
_struct_conn.pdbx_ptnr1_PDB_ins_code 
_struct_conn.pdbx_ptnr1_standard_comp_id 
_struct_conn.ptnr1_symmetry 
_struct_conn.ptnr2_label_asym_id 
_struct_conn.ptnr2_label_comp_id 
_struct_conn.ptnr2_label_seq_id 
_struct_conn.ptnr2_label_atom_id 
_struct_conn.pdbx_ptnr2_label_alt_id 
_struct_conn.pdbx_ptnr2_PDB_ins_code 
_struct_conn.ptnr1_auth_asym_id 
_struct_conn.ptnr1_auth_comp_id 
_struct_conn.ptnr1_auth_seq_id 
_struct_conn.ptnr2_auth_asym_id 
_struct_conn.ptnr2_auth_comp_id 
_struct_conn.ptnr2_auth_seq_id 
_struct_conn.ptnr2_symmetry 
_struct_conn.pdbx_ptnr3_label_atom_id 
_struct_conn.pdbx_ptnr3_label_seq_id 
_struct_conn.pdbx_ptnr3_label_comp_id 
_struct_conn.pdbx_ptnr3_label_asym_id 
_struct_conn.pdbx_ptnr3_label_alt_id 
_struct_conn.pdbx_ptnr3_PDB_ins_code 
_struct_conn.details 
_struct_conn.pdbx_dist_value 
_struct_conn.pdbx_value_order 
_struct_conn.pdbx_role 
hydrog1  hydrog ? ? A G 1 N1 ? ? ? 1_555 B C 7 N3 ? ? A G 1 B C 72 1_555 ? ? ? ? ? ? WATSON-CRICK ? ? ? 
hydrog2  hydrog ? ? A G 1 N2 ? ? ? 1_555 B C 7 O2 ? ? A G 1 B C 72 1_555 ? ? ? ? ? ? WATSON-CRICK ? ? ? 
hydrog3  hydrog ? ? A G 1 O6 ? ? ? 1_555 B C 7 N4 ? ? A G 1 B C 72 1_555 ? ? ? ? ? ? WATSON-CRICK ? ? ? 
hydrog4  hydrog ? ? A C 2 N3 ? ? ? 1_555 B G 6 N1 ? ? A C 2 B G 71 1_555 ? ? ? ? ? ? WATSON-CRICK ? ? ? 
hydrog5  hydrog ? ? A C 2 N4 ? ? ? 1_555 B G 6 O6 ? ? A C 2 B G 71 1_555 ? ? ? ? ? ? WATSON-CRICK ? ? ? 
hydrog6  hydrog ? ? A C 2 O2 ? ? ? 1_555 B G 6 N2 ? ? A C 2 B G 71 1_555 ? ? ? ? ? ? WATSON-CRICK ? ? ? 
hydrog7  hydrog ? ? A G 3 N1 ? ? ? 1_555 B C 5 N3 ? ? A G 3 B C 70 1_555 ? ? ? ? ? ? WATSON-CRICK ? ? ? 
hydrog8  hydrog ? ? A G 3 N2 ? ? ? 1_555 B C 5 O2 ? ? A G 3 B C 70 1_555 ? ? ? ? ? ? WATSON-CRICK ? ? ? 
hydrog9  hydrog ? ? A G 3 O6 ? ? ? 1_555 B C 5 N4 ? ? A G 3 B C 70 1_555 ? ? ? ? ? ? WATSON-CRICK ? ? ? 
hydrog10 hydrog ? ? A U 4 N3 ? ? ? 1_555 B A 4 N1 ? ? A U 4 B A 69 1_555 ? ? ? ? ? ? WATSON-CRICK ? ? ? 
hydrog11 hydrog ? ? A U 4 O4 ? ? ? 1_555 B A 4 N6 ? ? A U 4 B A 69 1_555 ? ? ? ? ? ? WATSON-CRICK ? ? ? 
hydrog12 hydrog ? ? A U 5 N3 ? ? ? 1_555 B A 3 N1 ? ? A U 5 B A 68 1_555 ? ? ? ? ? ? WATSON-CRICK ? ? ? 
hydrog13 hydrog ? ? A U 5 O4 ? ? ? 1_555 B A 3 N6 ? ? A U 5 B A 68 1_555 ? ? ? ? ? ? WATSON-CRICK ? ? ? 
hydrog14 hydrog ? ? A G 6 N1 ? ? ? 1_555 B C 2 N3 ? ? A G 6 B C 67 1_555 ? ? ? ? ? ? WATSON-CRICK ? ? ? 
hydrog15 hydrog ? ? A G 6 N2 ? ? ? 1_555 B C 2 O2 ? ? A G 6 B C 67 1_555 ? ? ? ? ? ? WATSON-CRICK ? ? ? 
hydrog16 hydrog ? ? A G 6 O6 ? ? ? 1_555 B C 2 N4 ? ? A G 6 B C 67 1_555 ? ? ? ? ? ? WATSON-CRICK ? ? ? 
hydrog17 hydrog ? ? A G 7 N1 ? ? ? 1_555 B C 1 N3 ? ? A G 7 B C 66 1_555 ? ? ? ? ? ? WATSON-CRICK ? ? ? 
hydrog18 hydrog ? ? A G 7 N2 ? ? ? 1_555 B C 1 O2 ? ? A G 7 B C 66 1_555 ? ? ? ? ? ? WATSON-CRICK ? ? ? 
hydrog19 hydrog ? ? A G 7 O6 ? ? ? 1_555 B C 1 N4 ? ? A G 7 B C 66 1_555 ? ? ? ? ? ? WATSON-CRICK ? ? ? 
# 
_struct_conn_type.id          hydrog 
_struct_conn_type.criteria    ? 
_struct_conn_type.reference   ? 
# 
_pdbx_validate_rmsd_bond.id                        1 
_pdbx_validate_rmsd_bond.PDB_model_num             1 
_pdbx_validate_rmsd_bond.auth_atom_id_1            C5 
_pdbx_validate_rmsd_bond.auth_asym_id_1            B 
_pdbx_validate_rmsd_bond.auth_comp_id_1            A 
_pdbx_validate_rmsd_bond.auth_seq_id_1             69 
_pdbx_validate_rmsd_bond.PDB_ins_code_1            ? 
_pdbx_validate_rmsd_bond.label_alt_id_1            ? 
_pdbx_validate_rmsd_bond.auth_atom_id_2            N7 
_pdbx_validate_rmsd_bond.auth_asym_id_2            B 
_pdbx_validate_rmsd_bond.auth_comp_id_2            A 
_pdbx_validate_rmsd_bond.auth_seq_id_2             69 
_pdbx_validate_rmsd_bond.PDB_ins_code_2            ? 
_pdbx_validate_rmsd_bond.label_alt_id_2            ? 
_pdbx_validate_rmsd_bond.bond_value                1.427 
_pdbx_validate_rmsd_bond.bond_target_value         1.388 
_pdbx_validate_rmsd_bond.bond_deviation            0.039 
_pdbx_validate_rmsd_bond.bond_standard_deviation   0.006 
_pdbx_validate_rmsd_bond.linker_flag               N 
# 
loop_
_pdbx_validate_rmsd_angle.id 
_pdbx_validate_rmsd_angle.PDB_model_num 
_pdbx_validate_rmsd_angle.auth_atom_id_1 
_pdbx_validate_rmsd_angle.auth_asym_id_1 
_pdbx_validate_rmsd_angle.auth_comp_id_1 
_pdbx_validate_rmsd_angle.auth_seq_id_1 
_pdbx_validate_rmsd_angle.PDB_ins_code_1 
_pdbx_validate_rmsd_angle.label_alt_id_1 
_pdbx_validate_rmsd_angle.auth_atom_id_2 
_pdbx_validate_rmsd_angle.auth_asym_id_2 
_pdbx_validate_rmsd_angle.auth_comp_id_2 
_pdbx_validate_rmsd_angle.auth_seq_id_2 
_pdbx_validate_rmsd_angle.PDB_ins_code_2 
_pdbx_validate_rmsd_angle.label_alt_id_2 
_pdbx_validate_rmsd_angle.auth_atom_id_3 
_pdbx_validate_rmsd_angle.auth_asym_id_3 
_pdbx_validate_rmsd_angle.auth_comp_id_3 
_pdbx_validate_rmsd_angle.auth_seq_id_3 
_pdbx_validate_rmsd_angle.PDB_ins_code_3 
_pdbx_validate_rmsd_angle.label_alt_id_3 
_pdbx_validate_rmsd_angle.angle_value 
_pdbx_validate_rmsd_angle.angle_target_value 
_pdbx_validate_rmsd_angle.angle_deviation 
_pdbx_validate_rmsd_angle.angle_standard_deviation 
_pdbx_validate_rmsd_angle.linker_flag 
1 1 C5 A U 4  ? ? C4 A U 4  ? ? O4 A U 4  ? ? 129.78 125.90 3.88  0.60 N 
2 1 C2 B A 69 ? ? N3 B A 69 ? ? C4 B A 69 ? ? 107.43 110.60 -3.17 0.50 N 
3 1 C5 B A 69 ? ? N7 B A 69 ? ? C8 B A 69 ? ? 100.89 103.90 -3.01 0.50 N 
4 1 C8 B A 69 ? ? N9 B A 69 ? ? C4 B A 69 ? ? 108.45 105.80 2.65  0.40 N 
5 1 N9 B A 69 ? ? C4 B A 69 ? ? C5 B A 69 ? ? 103.33 105.80 -2.47 0.40 N 
# 
_pdbx_struct_special_symmetry.id              1 
_pdbx_struct_special_symmetry.PDB_model_num   1 
_pdbx_struct_special_symmetry.auth_asym_id    B 
_pdbx_struct_special_symmetry.auth_comp_id    HOH 
_pdbx_struct_special_symmetry.auth_seq_id     2024 
_pdbx_struct_special_symmetry.PDB_ins_code    ? 
_pdbx_struct_special_symmetry.label_asym_id   D 
_pdbx_struct_special_symmetry.label_comp_id   HOH 
_pdbx_struct_special_symmetry.label_seq_id    . 
# 
_pdbx_distant_solvent_atoms.id                                1 
_pdbx_distant_solvent_atoms.PDB_model_num                     1 
_pdbx_distant_solvent_atoms.auth_atom_id                      O 
_pdbx_distant_solvent_atoms.label_alt_id                      ? 
_pdbx_distant_solvent_atoms.auth_asym_id                      B 
_pdbx_distant_solvent_atoms.auth_comp_id                      HOH 
_pdbx_distant_solvent_atoms.auth_seq_id                       2003 
_pdbx_distant_solvent_atoms.PDB_ins_code                      ? 
_pdbx_distant_solvent_atoms.neighbor_macromolecule_distance   6.66 
_pdbx_distant_solvent_atoms.neighbor_ligand_distance          . 
# 
loop_
_chem_comp_atom.comp_id 
_chem_comp_atom.atom_id 
_chem_comp_atom.type_symbol 
_chem_comp_atom.pdbx_aromatic_flag 
_chem_comp_atom.pdbx_stereo_config 
_chem_comp_atom.pdbx_ordinal 
A   OP3    O N N 1   
A   P      P N N 2   
A   OP1    O N N 3   
A   OP2    O N N 4   
A   "O5'"  O N N 5   
A   "C5'"  C N N 6   
A   "C4'"  C N R 7   
A   "O4'"  O N N 8   
A   "C3'"  C N S 9   
A   "O3'"  O N N 10  
A   "C2'"  C N R 11  
A   "O2'"  O N N 12  
A   "C1'"  C N R 13  
A   N9     N Y N 14  
A   C8     C Y N 15  
A   N7     N Y N 16  
A   C5     C Y N 17  
A   C6     C Y N 18  
A   N6     N N N 19  
A   N1     N Y N 20  
A   C2     C Y N 21  
A   N3     N Y N 22  
A   C4     C Y N 23  
A   HOP3   H N N 24  
A   HOP2   H N N 25  
A   "H5'"  H N N 26  
A   "H5''" H N N 27  
A   "H4'"  H N N 28  
A   "H3'"  H N N 29  
A   "HO3'" H N N 30  
A   "H2'"  H N N 31  
A   "HO2'" H N N 32  
A   "H1'"  H N N 33  
A   H8     H N N 34  
A   H61    H N N 35  
A   H62    H N N 36  
A   H2     H N N 37  
C   OP3    O N N 38  
C   P      P N N 39  
C   OP1    O N N 40  
C   OP2    O N N 41  
C   "O5'"  O N N 42  
C   "C5'"  C N N 43  
C   "C4'"  C N R 44  
C   "O4'"  O N N 45  
C   "C3'"  C N S 46  
C   "O3'"  O N N 47  
C   "C2'"  C N R 48  
C   "O2'"  O N N 49  
C   "C1'"  C N R 50  
C   N1     N N N 51  
C   C2     C N N 52  
C   O2     O N N 53  
C   N3     N N N 54  
C   C4     C N N 55  
C   N4     N N N 56  
C   C5     C N N 57  
C   C6     C N N 58  
C   HOP3   H N N 59  
C   HOP2   H N N 60  
C   "H5'"  H N N 61  
C   "H5''" H N N 62  
C   "H4'"  H N N 63  
C   "H3'"  H N N 64  
C   "HO3'" H N N 65  
C   "H2'"  H N N 66  
C   "HO2'" H N N 67  
C   "H1'"  H N N 68  
C   H41    H N N 69  
C   H42    H N N 70  
C   H5     H N N 71  
C   H6     H N N 72  
G   OP3    O N N 73  
G   P      P N N 74  
G   OP1    O N N 75  
G   OP2    O N N 76  
G   "O5'"  O N N 77  
G   "C5'"  C N N 78  
G   "C4'"  C N R 79  
G   "O4'"  O N N 80  
G   "C3'"  C N S 81  
G   "O3'"  O N N 82  
G   "C2'"  C N R 83  
G   "O2'"  O N N 84  
G   "C1'"  C N R 85  
G   N9     N Y N 86  
G   C8     C Y N 87  
G   N7     N Y N 88  
G   C5     C Y N 89  
G   C6     C N N 90  
G   O6     O N N 91  
G   N1     N N N 92  
G   C2     C N N 93  
G   N2     N N N 94  
G   N3     N N N 95  
G   C4     C Y N 96  
G   HOP3   H N N 97  
G   HOP2   H N N 98  
G   "H5'"  H N N 99  
G   "H5''" H N N 100 
G   "H4'"  H N N 101 
G   "H3'"  H N N 102 
G   "HO3'" H N N 103 
G   "H2'"  H N N 104 
G   "HO2'" H N N 105 
G   "H1'"  H N N 106 
G   H8     H N N 107 
G   H1     H N N 108 
G   H21    H N N 109 
G   H22    H N N 110 
HOH O      O N N 111 
HOH H1     H N N 112 
HOH H2     H N N 113 
U   OP3    O N N 114 
U   P      P N N 115 
U   OP1    O N N 116 
U   OP2    O N N 117 
U   "O5'"  O N N 118 
U   "C5'"  C N N 119 
U   "C4'"  C N R 120 
U   "O4'"  O N N 121 
U   "C3'"  C N S 122 
U   "O3'"  O N N 123 
U   "C2'"  C N R 124 
U   "O2'"  O N N 125 
U   "C1'"  C N R 126 
U   N1     N N N 127 
U   C2     C N N 128 
U   O2     O N N 129 
U   N3     N N N 130 
U   C4     C N N 131 
U   O4     O N N 132 
U   C5     C N N 133 
U   C6     C N N 134 
U   HOP3   H N N 135 
U   HOP2   H N N 136 
U   "H5'"  H N N 137 
U   "H5''" H N N 138 
U   "H4'"  H N N 139 
U   "H3'"  H N N 140 
U   "HO3'" H N N 141 
U   "H2'"  H N N 142 
U   "HO2'" H N N 143 
U   "H1'"  H N N 144 
U   H3     H N N 145 
U   H5     H N N 146 
U   H6     H N N 147 
# 
loop_
_chem_comp_bond.comp_id 
_chem_comp_bond.atom_id_1 
_chem_comp_bond.atom_id_2 
_chem_comp_bond.value_order 
_chem_comp_bond.pdbx_aromatic_flag 
_chem_comp_bond.pdbx_stereo_config 
_chem_comp_bond.pdbx_ordinal 
A   OP3   P      sing N N 1   
A   OP3   HOP3   sing N N 2   
A   P     OP1    doub N N 3   
A   P     OP2    sing N N 4   
A   P     "O5'"  sing N N 5   
A   OP2   HOP2   sing N N 6   
A   "O5'" "C5'"  sing N N 7   
A   "C5'" "C4'"  sing N N 8   
A   "C5'" "H5'"  sing N N 9   
A   "C5'" "H5''" sing N N 10  
A   "C4'" "O4'"  sing N N 11  
A   "C4'" "C3'"  sing N N 12  
A   "C4'" "H4'"  sing N N 13  
A   "O4'" "C1'"  sing N N 14  
A   "C3'" "O3'"  sing N N 15  
A   "C3'" "C2'"  sing N N 16  
A   "C3'" "H3'"  sing N N 17  
A   "O3'" "HO3'" sing N N 18  
A   "C2'" "O2'"  sing N N 19  
A   "C2'" "C1'"  sing N N 20  
A   "C2'" "H2'"  sing N N 21  
A   "O2'" "HO2'" sing N N 22  
A   "C1'" N9     sing N N 23  
A   "C1'" "H1'"  sing N N 24  
A   N9    C8     sing Y N 25  
A   N9    C4     sing Y N 26  
A   C8    N7     doub Y N 27  
A   C8    H8     sing N N 28  
A   N7    C5     sing Y N 29  
A   C5    C6     sing Y N 30  
A   C5    C4     doub Y N 31  
A   C6    N6     sing N N 32  
A   C6    N1     doub Y N 33  
A   N6    H61    sing N N 34  
A   N6    H62    sing N N 35  
A   N1    C2     sing Y N 36  
A   C2    N3     doub Y N 37  
A   C2    H2     sing N N 38  
A   N3    C4     sing Y N 39  
C   OP3   P      sing N N 40  
C   OP3   HOP3   sing N N 41  
C   P     OP1    doub N N 42  
C   P     OP2    sing N N 43  
C   P     "O5'"  sing N N 44  
C   OP2   HOP2   sing N N 45  
C   "O5'" "C5'"  sing N N 46  
C   "C5'" "C4'"  sing N N 47  
C   "C5'" "H5'"  sing N N 48  
C   "C5'" "H5''" sing N N 49  
C   "C4'" "O4'"  sing N N 50  
C   "C4'" "C3'"  sing N N 51  
C   "C4'" "H4'"  sing N N 52  
C   "O4'" "C1'"  sing N N 53  
C   "C3'" "O3'"  sing N N 54  
C   "C3'" "C2'"  sing N N 55  
C   "C3'" "H3'"  sing N N 56  
C   "O3'" "HO3'" sing N N 57  
C   "C2'" "O2'"  sing N N 58  
C   "C2'" "C1'"  sing N N 59  
C   "C2'" "H2'"  sing N N 60  
C   "O2'" "HO2'" sing N N 61  
C   "C1'" N1     sing N N 62  
C   "C1'" "H1'"  sing N N 63  
C   N1    C2     sing N N 64  
C   N1    C6     sing N N 65  
C   C2    O2     doub N N 66  
C   C2    N3     sing N N 67  
C   N3    C4     doub N N 68  
C   C4    N4     sing N N 69  
C   C4    C5     sing N N 70  
C   N4    H41    sing N N 71  
C   N4    H42    sing N N 72  
C   C5    C6     doub N N 73  
C   C5    H5     sing N N 74  
C   C6    H6     sing N N 75  
G   OP3   P      sing N N 76  
G   OP3   HOP3   sing N N 77  
G   P     OP1    doub N N 78  
G   P     OP2    sing N N 79  
G   P     "O5'"  sing N N 80  
G   OP2   HOP2   sing N N 81  
G   "O5'" "C5'"  sing N N 82  
G   "C5'" "C4'"  sing N N 83  
G   "C5'" "H5'"  sing N N 84  
G   "C5'" "H5''" sing N N 85  
G   "C4'" "O4'"  sing N N 86  
G   "C4'" "C3'"  sing N N 87  
G   "C4'" "H4'"  sing N N 88  
G   "O4'" "C1'"  sing N N 89  
G   "C3'" "O3'"  sing N N 90  
G   "C3'" "C2'"  sing N N 91  
G   "C3'" "H3'"  sing N N 92  
G   "O3'" "HO3'" sing N N 93  
G   "C2'" "O2'"  sing N N 94  
G   "C2'" "C1'"  sing N N 95  
G   "C2'" "H2'"  sing N N 96  
G   "O2'" "HO2'" sing N N 97  
G   "C1'" N9     sing N N 98  
G   "C1'" "H1'"  sing N N 99  
G   N9    C8     sing Y N 100 
G   N9    C4     sing Y N 101 
G   C8    N7     doub Y N 102 
G   C8    H8     sing N N 103 
G   N7    C5     sing Y N 104 
G   C5    C6     sing N N 105 
G   C5    C4     doub Y N 106 
G   C6    O6     doub N N 107 
G   C6    N1     sing N N 108 
G   N1    C2     sing N N 109 
G   N1    H1     sing N N 110 
G   C2    N2     sing N N 111 
G   C2    N3     doub N N 112 
G   N2    H21    sing N N 113 
G   N2    H22    sing N N 114 
G   N3    C4     sing N N 115 
HOH O     H1     sing N N 116 
HOH O     H2     sing N N 117 
U   OP3   P      sing N N 118 
U   OP3   HOP3   sing N N 119 
U   P     OP1    doub N N 120 
U   P     OP2    sing N N 121 
U   P     "O5'"  sing N N 122 
U   OP2   HOP2   sing N N 123 
U   "O5'" "C5'"  sing N N 124 
U   "C5'" "C4'"  sing N N 125 
U   "C5'" "H5'"  sing N N 126 
U   "C5'" "H5''" sing N N 127 
U   "C4'" "O4'"  sing N N 128 
U   "C4'" "C3'"  sing N N 129 
U   "C4'" "H4'"  sing N N 130 
U   "O4'" "C1'"  sing N N 131 
U   "C3'" "O3'"  sing N N 132 
U   "C3'" "C2'"  sing N N 133 
U   "C3'" "H3'"  sing N N 134 
U   "O3'" "HO3'" sing N N 135 
U   "C2'" "O2'"  sing N N 136 
U   "C2'" "C1'"  sing N N 137 
U   "C2'" "H2'"  sing N N 138 
U   "O2'" "HO2'" sing N N 139 
U   "C1'" N1     sing N N 140 
U   "C1'" "H1'"  sing N N 141 
U   N1    C2     sing N N 142 
U   N1    C6     sing N N 143 
U   C2    O2     doub N N 144 
U   C2    N3     sing N N 145 
U   N3    C4     sing N N 146 
U   N3    H3     sing N N 147 
U   C4    O4     doub N N 148 
U   C4    C5     sing N N 149 
U   C5    C6     doub N N 150 
U   C5    H5     sing N N 151 
U   C6    H6     sing N N 152 
# 
_ndb_struct_conf_na.entry_id   2V7R 
_ndb_struct_conf_na.feature    'a-form double helix' 
# 
loop_
_ndb_struct_na_base_pair.model_number 
_ndb_struct_na_base_pair.i_label_asym_id 
_ndb_struct_na_base_pair.i_label_comp_id 
_ndb_struct_na_base_pair.i_label_seq_id 
_ndb_struct_na_base_pair.i_symmetry 
_ndb_struct_na_base_pair.j_label_asym_id 
_ndb_struct_na_base_pair.j_label_comp_id 
_ndb_struct_na_base_pair.j_label_seq_id 
_ndb_struct_na_base_pair.j_symmetry 
_ndb_struct_na_base_pair.shear 
_ndb_struct_na_base_pair.stretch 
_ndb_struct_na_base_pair.stagger 
_ndb_struct_na_base_pair.buckle 
_ndb_struct_na_base_pair.propeller 
_ndb_struct_na_base_pair.opening 
_ndb_struct_na_base_pair.pair_number 
_ndb_struct_na_base_pair.pair_name 
_ndb_struct_na_base_pair.i_auth_asym_id 
_ndb_struct_na_base_pair.i_auth_seq_id 
_ndb_struct_na_base_pair.i_PDB_ins_code 
_ndb_struct_na_base_pair.j_auth_asym_id 
_ndb_struct_na_base_pair.j_auth_seq_id 
_ndb_struct_na_base_pair.j_PDB_ins_code 
_ndb_struct_na_base_pair.hbond_type_28 
_ndb_struct_na_base_pair.hbond_type_12 
1 A G 1 1_555 B C 7 1_555 -0.432 -0.201 0.111  0.533  -5.141  -0.607 1 A_G1:C72_B A 1 ? B 72 ? 19 1 
1 A C 2 1_555 B G 6 1_555 0.119  -0.124 -0.050 6.022  -10.743 -0.560 2 A_C2:G71_B A 2 ? B 71 ? 19 1 
1 A G 3 1_555 B C 5 1_555 -0.147 -0.156 0.002  -0.198 -14.937 3.846  3 A_G3:C70_B A 3 ? B 70 ? 19 1 
1 A U 4 1_555 B A 4 1_555 -0.048 -0.123 -0.042 -2.479 -21.853 1.119  4 A_U4:A69_B A 4 ? B 69 ? 20 1 
1 A U 5 1_555 B A 3 1_555 -0.106 -0.103 0.086  -3.361 -10.769 -1.104 5 A_U5:A68_B A 5 ? B 68 ? 20 1 
1 A G 6 1_555 B C 2 1_555 -0.246 -0.178 -0.144 -3.594 -9.584  -2.177 6 A_G6:C67_B A 6 ? B 67 ? 19 1 
1 A G 7 1_555 B C 1 1_555 -0.404 -0.208 -0.037 -1.950 -5.622  1.406  7 A_G7:C66_B A 7 ? B 66 ? 19 1 
# 
loop_
_ndb_struct_na_base_pair_step.model_number 
_ndb_struct_na_base_pair_step.i_label_asym_id_1 
_ndb_struct_na_base_pair_step.i_label_comp_id_1 
_ndb_struct_na_base_pair_step.i_label_seq_id_1 
_ndb_struct_na_base_pair_step.i_symmetry_1 
_ndb_struct_na_base_pair_step.j_label_asym_id_1 
_ndb_struct_na_base_pair_step.j_label_comp_id_1 
_ndb_struct_na_base_pair_step.j_label_seq_id_1 
_ndb_struct_na_base_pair_step.j_symmetry_1 
_ndb_struct_na_base_pair_step.i_label_asym_id_2 
_ndb_struct_na_base_pair_step.i_label_comp_id_2 
_ndb_struct_na_base_pair_step.i_label_seq_id_2 
_ndb_struct_na_base_pair_step.i_symmetry_2 
_ndb_struct_na_base_pair_step.j_label_asym_id_2 
_ndb_struct_na_base_pair_step.j_label_comp_id_2 
_ndb_struct_na_base_pair_step.j_label_seq_id_2 
_ndb_struct_na_base_pair_step.j_symmetry_2 
_ndb_struct_na_base_pair_step.shift 
_ndb_struct_na_base_pair_step.slide 
_ndb_struct_na_base_pair_step.rise 
_ndb_struct_na_base_pair_step.tilt 
_ndb_struct_na_base_pair_step.roll 
_ndb_struct_na_base_pair_step.twist 
_ndb_struct_na_base_pair_step.x_displacement 
_ndb_struct_na_base_pair_step.y_displacement 
_ndb_struct_na_base_pair_step.helical_rise 
_ndb_struct_na_base_pair_step.inclination 
_ndb_struct_na_base_pair_step.tip 
_ndb_struct_na_base_pair_step.helical_twist 
_ndb_struct_na_base_pair_step.step_number 
_ndb_struct_na_base_pair_step.step_name 
_ndb_struct_na_base_pair_step.i_auth_asym_id_1 
_ndb_struct_na_base_pair_step.i_auth_seq_id_1 
_ndb_struct_na_base_pair_step.i_PDB_ins_code_1 
_ndb_struct_na_base_pair_step.j_auth_asym_id_1 
_ndb_struct_na_base_pair_step.j_auth_seq_id_1 
_ndb_struct_na_base_pair_step.j_PDB_ins_code_1 
_ndb_struct_na_base_pair_step.i_auth_asym_id_2 
_ndb_struct_na_base_pair_step.i_auth_seq_id_2 
_ndb_struct_na_base_pair_step.i_PDB_ins_code_2 
_ndb_struct_na_base_pair_step.j_auth_asym_id_2 
_ndb_struct_na_base_pair_step.j_auth_seq_id_2 
_ndb_struct_na_base_pair_step.j_PDB_ins_code_2 
1 A G 1 1_555 B C 7 1_555 A C 2 1_555 B G 6 1_555 -0.289 -1.903 3.141 -0.491 1.725  34.407 -3.467 0.416  3.049 2.913  0.830  
34.452 1 AA_G1C2:G71C72_BB A 1 ? B 72 ? A 2 ? B 71 ? 
1 A C 2 1_555 B G 6 1_555 A G 3 1_555 B C 5 1_555 -0.306 -1.417 3.284 -0.633 13.089 30.450 -4.524 0.439  2.487 23.596 1.141  
33.088 2 AA_C2G3:C70G71_BB A 2 ? B 71 ? A 3 ? B 70 ? 
1 A G 3 1_555 B C 5 1_555 A U 4 1_555 B A 4 1_555 0.072  -1.012 3.301 1.557  9.361  32.092 -3.258 0.124  2.899 16.487 -2.742 
33.430 3 AA_G3U4:A69C70_BB A 3 ? B 70 ? A 4 ? B 69 ? 
1 A U 4 1_555 B A 4 1_555 A U 5 1_555 B A 3 1_555 -0.065 -1.103 3.238 -1.191 5.507  34.520 -2.637 -0.064 3.032 9.204  1.990  
34.963 4 AA_U4U5:A68A69_BB A 4 ? B 69 ? A 5 ? B 68 ? 
1 A U 5 1_555 B A 3 1_555 A G 6 1_555 B C 2 1_555 -0.381 -1.576 3.269 -0.135 7.174  30.014 -4.284 0.691  2.827 13.609 0.257  
30.841 5 AA_U5G6:C67A68_BB A 5 ? B 68 ? A 6 ? B 67 ? 
1 A G 6 1_555 B C 2 1_555 A G 7 1_555 B C 1 1_555 0.798  -1.873 3.307 0.846  7.327  28.551 -5.160 -1.399 2.772 14.551 -1.681 
29.469 6 AA_G6G7:C66C67_BB A 6 ? B 67 ? A 7 ? B 66 ? 
# 
_atom_sites.entry_id                    2V7R 
_atom_sites.fract_transf_matrix[1][1]   -0.01873674 
_atom_sites.fract_transf_matrix[1][2]   -0.01498518 
_atom_sites.fract_transf_matrix[1][3]   0.01676763 
_atom_sites.fract_transf_matrix[2][1]   0.00313335 
_atom_sites.fract_transf_matrix[2][2]   0.01791457 
_atom_sites.fract_transf_matrix[2][3]   0.01951152 
_atom_sites.fract_transf_matrix[3][1]   -0.03394543 
_atom_sites.fract_transf_matrix[3][2]   0.01046906 
_atom_sites.fract_transf_matrix[3][3]   -0.00416091 
_atom_sites.fract_transf_vector[1]      -0.326378 
_atom_sites.fract_transf_vector[2]      0.208263 
_atom_sites.fract_transf_vector[3]      -0.128187 
# 
loop_
_atom_type.symbol 
C 
N 
O 
P 
# 
loop_
_atom_site.group_PDB 
_atom_site.id 
_atom_site.type_symbol 
_atom_site.label_atom_id 
_atom_site.label_alt_id 
_atom_site.label_comp_id 
_atom_site.label_asym_id 
_atom_site.label_entity_id 
_atom_site.label_seq_id 
_atom_site.pdbx_PDB_ins_code 
_atom_site.Cartn_x 
_atom_site.Cartn_y 
_atom_site.Cartn_z 
_atom_site.occupancy 
_atom_site.B_iso_or_equiv 
_atom_site.pdbx_formal_charge 
_atom_site.auth_seq_id 
_atom_site.auth_comp_id 
_atom_site.auth_asym_id 
_atom_site.auth_atom_id 
_atom_site.pdbx_PDB_model_num 
ATOM   1   O "O5'" . G   A 1 1 ? 8.884   -4.865  5.948   1.00 19.60 ? 1    G   A "O5'" 1 
ATOM   2   C "C5'" . G   A 1 1 ? 9.219   -4.631  7.315   1.00 15.81 ? 1    G   A "C5'" 1 
ATOM   3   C "C4'" . G   A 1 1 ? 9.503   -3.169  7.602   1.00 14.17 ? 1    G   A "C4'" 1 
ATOM   4   O "O4'" . G   A 1 1 ? 10.483  -2.658  6.669   1.00 13.66 ? 1    G   A "O4'" 1 
ATOM   5   C "C3'" . G   A 1 1 ? 8.311   -2.235  7.416   1.00 12.49 ? 1    G   A "C3'" 1 
ATOM   6   O "O3'" . G   A 1 1 ? 7.516   -2.245  8.594   1.00 13.24 ? 1    G   A "O3'" 1 
ATOM   7   C "C2'" . G   A 1 1 ? 9.007   -0.904  7.180   1.00 12.04 ? 1    G   A "C2'" 1 
ATOM   8   O "O2'" . G   A 1 1 ? 9.555   -0.387  8.376   1.00 12.37 ? 1    G   A "O2'" 1 
ATOM   9   C "C1'" . G   A 1 1 ? 10.141  -1.347  6.266   1.00 12.80 ? 1    G   A "C1'" 1 
ATOM   10  N N9    . G   A 1 1 ? 9.805   -1.304  4.841   1.00 12.56 ? 1    G   A N9    1 
ATOM   11  C C8    . G   A 1 1 ? 9.675   -2.332  3.941   1.00 14.19 ? 1    G   A C8    1 
ATOM   12  N N7    . G   A 1 1 ? 9.385   -1.927  2.723   1.00 15.04 ? 1    G   A N7    1 
ATOM   13  C C5    . G   A 1 1 ? 9.333   -0.532  2.841   1.00 13.31 ? 1    G   A C5    1 
ATOM   14  C C6    . G   A 1 1 ? 9.068   0.437   1.854   1.00 15.14 ? 1    G   A C6    1 
ATOM   15  O O6    . G   A 1 1 ? 8.830   0.205   0.669   1.00 15.77 ? 1    G   A O6    1 
ATOM   16  N N1    . G   A 1 1 ? 9.092   1.735   2.359   1.00 14.67 ? 1    G   A N1    1 
ATOM   17  C C2    . G   A 1 1 ? 9.366   2.039   3.680   1.00 13.79 ? 1    G   A C2    1 
ATOM   18  N N2    . G   A 1 1 ? 9.321   3.369   3.913   1.00 12.78 ? 1    G   A N2    1 
ATOM   19  N N3    . G   A 1 1 ? 9.659   1.112   4.640   1.00 13.24 ? 1    G   A N3    1 
ATOM   20  C C4    . G   A 1 1 ? 9.604   -0.144  4.137   1.00 12.38 ? 1    G   A C4    1 
ATOM   21  P P     . C   A 1 2 ? 5.956   -1.945  8.508   1.00 16.75 ? 2    C   A P     1 
ATOM   22  O OP1   . C   A 1 2 ? 5.417   -2.222  9.855   1.00 16.53 ? 2    C   A OP1   1 
ATOM   23  O OP2   . C   A 1 2 ? 5.356   -2.606  7.335   1.00 15.56 ? 2    C   A OP2   1 
ATOM   24  O "O5'" . C   A 1 2 ? 5.877   -0.377  8.218   1.00 14.62 ? 2    C   A "O5'" 1 
ATOM   25  C "C5'" . C   A 1 2 ? 6.348   0.553   9.187   1.00 12.77 ? 2    C   A "C5'" 1 
ATOM   26  C "C4'" . C   A 1 2 ? 6.301   1.941   8.584   1.00 10.79 ? 2    C   A "C4'" 1 
ATOM   27  O "O4'" . C   A 1 2 ? 7.143   2.003   7.409   1.00 10.90 ? 2    C   A "O4'" 1 
ATOM   28  C "C3'" . C   A 1 2 ? 4.950   2.360   8.032   1.00 10.89 ? 2    C   A "C3'" 1 
ATOM   29  O "O3'" . C   A 1 2 ? 4.117   2.778   9.097   1.00 11.28 ? 2    C   A "O3'" 1 
ATOM   30  C "C2'" . C   A 1 2 ? 5.331   3.500   7.108   1.00 10.16 ? 2    C   A "C2'" 1 
ATOM   31  O "O2'" . C   A 1 2 ? 5.709   4.647   7.827   1.00 11.17 ? 2    C   A "O2'" 1 
ATOM   32  C "C1'" . C   A 1 2 ? 6.549   2.874   6.468   1.00 9.82  ? 2    C   A "C1'" 1 
ATOM   33  N N1    . C   A 1 2 ? 6.264   2.148   5.211   1.00 8.97  ? 2    C   A N1    1 
ATOM   34  C C2    . C   A 1 2 ? 6.072   2.892   4.033   1.00 8.32  ? 2    C   A C2    1 
ATOM   35  O O2    . C   A 1 2 ? 6.064   4.118   4.092   1.00 9.37  ? 2    C   A O2    1 
ATOM   36  N N3    . C   A 1 2 ? 5.890   2.237   2.859   1.00 8.47  ? 2    C   A N3    1 
ATOM   37  C C4    . C   A 1 2 ? 5.883   0.908   2.835   1.00 9.04  ? 2    C   A C4    1 
ATOM   38  N N4    . C   A 1 2 ? 5.700   0.294   1.663   1.00 10.35 ? 2    C   A N4    1 
ATOM   39  C C5    . C   A 1 2 ? 6.079   0.136   4.015   1.00 9.94  ? 2    C   A C5    1 
ATOM   40  C C6    . C   A 1 2 ? 6.262   0.790   5.166   1.00 9.93  ? 2    C   A C6    1 
ATOM   41  P P     . G   A 1 3 ? 2.536   2.620   8.976   1.00 12.27 ? 3    G   A P     1 
ATOM   42  O OP1   . G   A 1 3 ? 1.990   2.917   10.317  1.00 12.97 ? 3    G   A OP1   1 
ATOM   43  O OP2   . G   A 1 3 ? 2.215   1.328   8.344   1.00 13.23 ? 3    G   A OP2   1 
ATOM   44  O "O5'" . G   A 1 3 ? 2.084   3.736   7.935   1.00 10.01 ? 3    G   A "O5'" 1 
ATOM   45  C "C5'" . G   A 1 3 ? 2.198   5.107   8.293   1.00 9.19  ? 3    G   A "C5'" 1 
ATOM   46  C "C4'" . G   A 1 3 ? 1.796   5.969   7.124   1.00 9.59  ? 3    G   A "C4'" 1 
ATOM   47  O "O4'" . G   A 1 3 ? 2.747   5.767   6.059   1.00 9.21  ? 3    G   A "O4'" 1 
ATOM   48  C "C3'" . G   A 1 3 ? 0.475   5.593   6.466   1.00 9.58  ? 3    G   A "C3'" 1 
ATOM   49  O "O3'" . G   A 1 3 ? -0.614  6.115   7.214   1.00 10.38 ? 3    G   A "O3'" 1 
ATOM   50  C "C2'" . G   A 1 3 ? 0.624   6.290   5.129   1.00 10.10 ? 3    G   A "C2'" 1 
ATOM   51  O "O2'" . G   A 1 3 ? 0.556   7.690   5.276   1.00 11.96 ? 3    G   A "O2'" 1 
ATOM   52  C "C1'" . G   A 1 3 ? 2.041   5.855   4.818   1.00 9.55  ? 3    G   A "C1'" 1 
ATOM   53  N N9    . G   A 1 3 ? 2.163   4.573   4.138   1.00 8.86  ? 3    G   A N9    1 
ATOM   54  C C8    . G   A 1 3 ? 2.504   3.360   4.675   1.00 9.17  ? 3    G   A C8    1 
ATOM   55  N N7    . G   A 1 3 ? 2.568   2.408   3.795   1.00 9.10  ? 3    G   A N7    1 
ATOM   56  C C5    . G   A 1 3 ? 2.293   3.034   2.590   1.00 9.42  ? 3    G   A C5    1 
ATOM   57  C C6    . G   A 1 3 ? 2.231   2.509   1.266   1.00 8.88  ? 3    G   A C6    1 
ATOM   58  O O6    . G   A 1 3 ? 2.452   1.326   0.920   1.00 11.03 ? 3    G   A O6    1 
ATOM   59  N N1    . G   A 1 3 ? 1.893   3.474   0.315   1.00 9.58  ? 3    G   A N1    1 
ATOM   60  C C2    . G   A 1 3 ? 1.644   4.805   0.604   1.00 10.15 ? 3    G   A C2    1 
ATOM   61  N N2    . G   A 1 3 ? 1.332   5.603   -0.408  1.00 17.93 ? 3    G   A N2    1 
ATOM   62  N N3    . G   A 1 3 ? 1.711   5.300   1.855   1.00 9.48  ? 3    G   A N3    1 
ATOM   63  C C4    . G   A 1 3 ? 2.040   4.363   2.786   1.00 9.35  ? 3    G   A C4    1 
ATOM   64  P P     . U   A 1 4 ? -1.982  5.287   7.298   1.00 10.65 ? 4    U   A P     1 
ATOM   65  O OP1   . U   A 1 4 ? -2.703  5.909   8.431   1.00 11.32 ? 4    U   A OP1   1 
ATOM   66  O OP2   . U   A 1 4 ? -1.734  3.835   7.278   1.00 11.66 ? 4    U   A OP2   1 
ATOM   67  O "O5'" . U   A 1 4 ? -2.709  5.575   5.911   1.00 10.15 ? 4    U   A "O5'" 1 
ATOM   68  C "C5'" . U   A 1 4 ? -3.148  6.862   5.552   1.00 9.93  ? 4    U   A "C5'" 1 
ATOM   69  C "C4'" . U   A 1 4 ? -3.298  6.958   4.045   1.00 9.59  ? 4    U   A "C4'" 1 
ATOM   70  O "O4'" . U   A 1 4 ? -2.070  6.537   3.403   1.00 9.16  ? 4    U   A "O4'" 1 
ATOM   71  C "C3'" . U   A 1 4 ? -4.345  6.045   3.425   1.00 9.73  ? 4    U   A "C3'" 1 
ATOM   72  O "O3'" . U   A 1 4 ? -5.608  6.668   3.542   1.00 11.61 ? 4    U   A "O3'" 1 
ATOM   73  C "C2'" . U   A 1 4 ? -3.884  6.000   1.983   1.00 10.12 ? 4    U   A "C2'" 1 
ATOM   74  O "O2'" . U   A 1 4 ? -4.156  7.212   1.334   1.00 11.99 ? 4    U   A "O2'" 1 
ATOM   75  C "C1'" . U   A 1 4 ? -2.386  5.853   2.195   1.00 9.40  ? 4    U   A "C1'" 1 
ATOM   76  N N1    . U   A 1 4 ? -1.930  4.451   2.256   1.00 9.36  ? 4    U   A N1    1 
ATOM   77  C C2    . U   A 1 4 ? -1.772  3.766   1.068   1.00 10.36 ? 4    U   A C2    1 
ATOM   78  O O2    . U   A 1 4 ? -2.019  4.204   -0.032  1.00 11.55 ? 4    U   A O2    1 
ATOM   79  N N3    . U   A 1 4 ? -1.324  2.486   1.166   1.00 13.22 ? 4    U   A N3    1 
ATOM   80  C C4    . U   A 1 4 ? -1.006  1.773   2.258   1.00 12.44 ? 4    U   A C4    1 
ATOM   81  O O4    . U   A 1 4 ? -0.579  0.609   2.110   1.00 14.84 ? 4    U   A O4    1 
ATOM   82  C C5    . U   A 1 4 ? -1.154  2.546   3.446   1.00 10.01 ? 4    U   A C5    1 
ATOM   83  C C6    . U   A 1 4 ? -1.621  3.804   3.430   1.00 9.96  ? 4    U   A C6    1 
ATOM   84  P P     . U   A 1 5 ? -6.900  5.773   3.704   1.00 10.51 ? 5    U   A P     1 
ATOM   85  O OP1   . U   A 1 5 ? -8.007  6.723   4.011   1.00 17.45 ? 5    U   A OP1   1 
ATOM   86  O OP2   . U   A 1 5 ? -6.661  4.629   4.549   1.00 11.25 ? 5    U   A OP2   1 
ATOM   87  O "O5'" . U   A 1 5 ? -7.170  5.119   2.279   1.00 10.22 ? 5    U   A "O5'" 1 
ATOM   88  C "C5'" . U   A 1 5 ? -7.730  5.948   1.278   1.00 12.69 ? 5    U   A "C5'" 1 
ATOM   89  C "C4'" . U   A 1 5 ? -7.642  5.201   -0.029  1.00 9.77  ? 5    U   A "C4'" 1 
ATOM   90  O "O4'" . U   A 1 5 ? -6.257  4.870   -0.310  1.00 9.30  ? 5    U   A "O4'" 1 
ATOM   91  C "C3'" . U   A 1 5 ? -8.303  3.838   -0.082  1.00 8.77  ? 5    U   A "C3'" 1 
ATOM   92  O "O3'" . U   A 1 5 ? -9.689  4.018   -0.211  1.00 9.84  ? 5    U   A "O3'" 1 
ATOM   93  C "C2'" . U   A 1 5 ? -7.658  3.286   -1.343  1.00 7.84  ? 5    U   A "C2'" 1 
ATOM   94  O "O2'" . U   A 1 5 ? -8.142  3.994   -2.455  1.00 8.72  ? 5    U   A "O2'" 1 
ATOM   95  C "C1'" . U   A 1 5 ? -6.217  3.652   -1.032  1.00 7.85  ? 5    U   A "C1'" 1 
ATOM   96  N N1    . U   A 1 5 ? -5.527  2.604   -0.223  1.00 7.82  ? 5    U   A N1    1 
ATOM   97  C C2    . U   A 1 5 ? -5.056  1.490   -0.889  1.00 8.45  ? 5    U   A C2    1 
ATOM   98  O O2    . U   A 1 5 ? -5.205  1.317   -2.093  1.00 9.46  ? 5    U   A O2    1 
ATOM   99  N N3    . U   A 1 5 ? -4.425  0.579   -0.098  1.00 8.02  ? 5    U   A N3    1 
ATOM   100 C C4    . U   A 1 5 ? -4.204  0.685   1.263   1.00 8.28  ? 5    U   A C4    1 
ATOM   101 O O4    . U   A 1 5 ? -3.604  -0.209  1.834   1.00 9.25  ? 5    U   A O4    1 
ATOM   102 C C5    . U   A 1 5 ? -4.709  1.865   1.894   1.00 8.48  ? 5    U   A C5    1 
ATOM   103 C C6    . U   A 1 5 ? -5.327  2.764   1.141   1.00 8.76  ? 5    U   A C6    1 
ATOM   104 P P     . G   A 1 6 ? -10.683 2.832   0.217   1.00 11.53 ? 6    G   A P     1 
ATOM   105 O OP1   . G   A 1 6 ? -12.040 3.418   0.083   1.00 13.04 ? 6    G   A OP1   1 
ATOM   106 O OP2   . G   A 1 6 ? -10.262 2.206   1.480   1.00 14.50 ? 6    G   A OP2   1 
ATOM   107 O "O5'" . G   A 1 6 ? -10.456 1.702   -0.893  1.00 11.02 ? 6    G   A "O5'" 1 
ATOM   108 C "C5'" . G   A 1 6 ? -10.837 1.912   -2.244  1.00 10.35 ? 6    G   A "C5'" 1 
ATOM   109 C "C4'" . G   A 1 6 ? -10.431 0.728   -3.103  1.00 11.22 ? 6    G   A "C4'" 1 
ATOM   110 O "O4'" . G   A 1 6 ? -8.991  0.627   -3.131  1.00 11.72 ? 6    G   A "O4'" 1 
ATOM   111 C "C3'" . G   A 1 6 ? -10.872 -0.647  -2.636  1.00 11.22 ? 6    G   A "C3'" 1 
ATOM   112 O "O3'" . G   A 1 6 ? -12.227 -0.831  -2.972  1.00 12.27 ? 6    G   A "O3'" 1 
ATOM   113 C "C2'" . G   A 1 6 ? -9.936  -1.526  -3.485  1.00 11.97 ? 6    G   A "C2'" 1 
ATOM   114 O "O2'" . G   A 1 6 ? -10.279 -1.552  -4.848  1.00 15.03 ? 6    G   A "O2'" 1 
ATOM   115 C "C1'" . G   A 1 6 ? -8.652  -0.728  -3.303  1.00 11.71 ? 6    G   A "C1'" 1 
ATOM   116 N N9    . G   A 1 6 ? -8.004  -1.121  -2.069  1.00 11.24 ? 6    G   A N9    1 
ATOM   117 C C8    . G   A 1 6 ? -7.973  -0.478  -0.856  1.00 10.94 ? 6    G   A C8    1 
ATOM   118 N N7    . G   A 1 6 ? -7.287  -1.065  0.068   1.00 13.79 ? 6    G   A N7    1 
ATOM   119 C C5    . G   A 1 6 ? -6.823  -2.198  -0.566  1.00 10.57 ? 6    G   A C5    1 
ATOM   120 C C6    . G   A 1 6 ? -6.006  -3.256  -0.073  1.00 11.98 ? 6    G   A C6    1 
ATOM   121 O O6    . G   A 1 6 ? -5.545  -3.382  1.057   1.00 12.73 ? 6    G   A O6    1 
ATOM   122 N N1    . G   A 1 6 ? -5.771  -4.235  -1.029  1.00 10.88 ? 6    G   A N1    1 
ATOM   123 C C2    . G   A 1 6 ? -6.225  -4.192  -2.322  1.00 11.72 ? 6    G   A C2    1 
ATOM   124 N N2    . G   A 1 6 ? -5.876  -5.228  -3.077  1.00 12.04 ? 6    G   A N2    1 
ATOM   125 N N3    . G   A 1 6 ? -6.983  -3.218  -2.799  1.00 10.77 ? 6    G   A N3    1 
ATOM   126 C C4    . G   A 1 6 ? -7.233  -2.252  -1.878  1.00 11.50 ? 6    G   A C4    1 
ATOM   127 P P     . G   A 1 7 ? -13.155 -1.744  -2.043  1.00 13.92 ? 7    G   A P     1 
ATOM   128 O OP1   . G   A 1 7 ? -14.509 -1.741  -2.643  1.00 16.32 ? 7    G   A OP1   1 
ATOM   129 O OP2   . G   A 1 7 ? -13.031 -1.299  -0.637  1.00 15.64 ? 7    G   A OP2   1 
ATOM   130 O "O5'" . G   A 1 7 ? -12.540 -3.201  -2.169  1.00 12.11 ? 7    G   A "O5'" 1 
ATOM   131 C "C5'" . G   A 1 7 ? -12.591 -3.867  -3.445  1.00 11.66 ? 7    G   A "C5'" 1 
ATOM   132 C "C4'" . G   A 1 7 ? -11.859 -5.184  -3.328  1.00 10.75 ? 7    G   A "C4'" 1 
ATOM   133 O "O4'" . G   A 1 7 ? -10.481 -4.933  -2.988  1.00 10.60 ? 7    G   A "O4'" 1 
ATOM   134 C "C3'" . G   A 1 7 ? -12.335 -6.094  -2.218  1.00 10.13 ? 7    G   A "C3'" 1 
ATOM   135 O "O3'" . G   A 1 7 ? -13.495 -6.797  -2.616  1.00 11.14 ? 7    G   A "O3'" 1 
ATOM   136 C "C2'" . G   A 1 7 ? -11.145 -7.015  -2.073  1.00 10.27 ? 7    G   A "C2'" 1 
ATOM   137 O "O2'" . G   A 1 7 ? -11.125 -8.020  -3.073  1.00 10.55 ? 7    G   A "O2'" 1 
ATOM   138 C "C1'" . G   A 1 7 ? -9.974  -6.034  -2.269  1.00 11.72 ? 7    G   A "C1'" 1 
ATOM   139 N N9    . G   A 1 7 ? -9.463  -5.582  -0.973  1.00 11.01 ? 7    G   A N9    1 
ATOM   140 C C8    . G   A 1 7 ? -9.765  -4.448  -0.252  1.00 13.16 ? 7    G   A C8    1 
ATOM   141 N N7    . G   A 1 7 ? -9.123  -4.402  0.904   1.00 13.30 ? 7    G   A N7    1 
ATOM   142 C C5    . G   A 1 7 ? -8.377  -5.586  0.950   1.00 12.01 ? 7    G   A C5    1 
ATOM   143 C C6    . G   A 1 7 ? -7.518  -6.074  1.954   1.00 14.43 ? 7    G   A C6    1 
ATOM   144 O O6    . G   A 1 7 ? -7.259  -5.508  3.017   1.00 14.49 ? 7    G   A O6    1 
ATOM   145 N N1    . G   A 1 7 ? -6.956  -7.311  1.642   1.00 14.08 ? 7    G   A N1    1 
ATOM   146 C C2    . G   A 1 7 ? -7.236  -7.956  0.459   1.00 14.01 ? 7    G   A C2    1 
ATOM   147 N N2    . G   A 1 7 ? -6.600  -9.128  0.335   1.00 12.53 ? 7    G   A N2    1 
ATOM   148 N N3    . G   A 1 7 ? -8.053  -7.498  -0.506  1.00 11.85 ? 7    G   A N3    1 
ATOM   149 C C4    . G   A 1 7 ? -8.588  -6.304  -0.200  1.00 11.91 ? 7    G   A C4    1 
ATOM   150 O "O5'" . C   B 2 1 ? -0.642  -10.719 6.363   1.00 18.74 ? 66   C   B "O5'" 1 
ATOM   151 C "C5'" . C   B 2 1 ? -0.499  -12.054 5.904   1.00 16.85 ? 66   C   B "C5'" 1 
ATOM   152 C "C4'" . C   B 2 1 ? -1.317  -12.329 4.663   1.00 15.84 ? 66   C   B "C4'" 1 
ATOM   153 O "O4'" . C   B 2 1 ? -2.718  -12.076 4.952   1.00 15.54 ? 66   C   B "O4'" 1 
ATOM   154 C "C3'" . C   B 2 1 ? -1.038  -11.440 3.463   1.00 15.63 ? 66   C   B "C3'" 1 
ATOM   155 O "O3'" . C   B 2 1 ? 0.103   -11.891 2.757   1.00 14.79 ? 66   C   B "O3'" 1 
ATOM   156 C "C2'" . C   B 2 1 ? -2.315  -11.639 2.659   1.00 15.29 ? 66   C   B "C2'" 1 
ATOM   157 O "O2'" . C   B 2 1 ? -2.360  -12.912 2.035   1.00 13.46 ? 66   C   B "O2'" 1 
ATOM   158 C "C1'" . C   B 2 1 ? -3.332  -11.556 3.786   1.00 15.50 ? 66   C   B "C1'" 1 
ATOM   159 N N1    . C   B 2 1 ? -3.821  -10.174 4.114   1.00 15.05 ? 66   C   B N1    1 
ATOM   160 C C2    . C   B 2 1 ? -4.754  -9.566  3.278   1.00 14.86 ? 66   C   B C2    1 
ATOM   161 O O2    . C   B 2 1 ? -5.148  -10.141 2.251   1.00 17.14 ? 66   C   B O2    1 
ATOM   162 N N3    . C   B 2 1 ? -5.193  -8.338  3.618   1.00 17.65 ? 66   C   B N3    1 
ATOM   163 C C4    . C   B 2 1 ? -4.777  -7.709  4.704   1.00 16.80 ? 66   C   B C4    1 
ATOM   164 N N4    . C   B 2 1 ? -5.271  -6.493  4.963   1.00 17.57 ? 66   C   B N4    1 
ATOM   165 C C5    . C   B 2 1 ? -3.840  -8.310  5.578   1.00 17.24 ? 66   C   B C5    1 
ATOM   166 C C6    . C   B 2 1 ? -3.404  -9.525  5.240   1.00 15.68 ? 66   C   B C6    1 
ATOM   167 P P     . C   B 2 2 ? 0.990   -10.883 1.900   1.00 15.61 ? 67   C   B P     1 
ATOM   168 O OP1   . C   B 2 2 ? 2.189   -11.667 1.535   1.00 16.46 ? 67   C   B OP1   1 
ATOM   169 O OP2   . C   B 2 2 ? 1.150   -9.670  2.699   1.00 16.49 ? 67   C   B OP2   1 
ATOM   170 O "O5'" . C   B 2 2 ? 0.080   -10.574 0.628   1.00 14.26 ? 67   C   B "O5'" 1 
ATOM   171 C "C5'" . C   B 2 2 ? -0.161  -11.591 -0.348  1.00 14.82 ? 67   C   B "C5'" 1 
ATOM   172 C "C4'" . C   B 2 2 ? -1.069  -11.031 -1.414  1.00 12.72 ? 67   C   B "C4'" 1 
ATOM   173 O "O4'" . C   B 2 2 ? -2.368  -10.721 -0.846  1.00 13.04 ? 67   C   B "O4'" 1 
ATOM   174 C "C3'" . C   B 2 2 ? -0.645  -9.685  -1.971  1.00 13.31 ? 67   C   B "C3'" 1 
ATOM   175 O "O3'" . C   B 2 2 ? 0.449   -9.809  -2.860  1.00 13.46 ? 67   C   B "O3'" 1 
ATOM   176 C "C2'" . C   B 2 2 ? -1.946  -9.273  -2.636  1.00 11.64 ? 67   C   B "C2'" 1 
ATOM   177 O "O2'" . C   B 2 2 ? -2.269  -9.981  -3.818  1.00 14.04 ? 67   C   B "O2'" 1 
ATOM   178 C "C1'" . C   B 2 2 ? -2.918  -9.602  -1.525  1.00 12.79 ? 67   C   B "C1'" 1 
ATOM   179 N N1    . C   B 2 2 ? -3.083  -8.475  -0.566  1.00 11.39 ? 67   C   B N1    1 
ATOM   180 C C2    . C   B 2 2 ? -3.970  -7.449  -0.912  1.00 11.70 ? 67   C   B C2    1 
ATOM   181 O O2    . C   B 2 2 ? -4.546  -7.487  -2.001  1.00 12.09 ? 67   C   B O2    1 
ATOM   182 N N3    . C   B 2 2 ? -4.143  -6.429  -0.084  1.00 12.62 ? 67   C   B N3    1 
ATOM   183 C C4    . C   B 2 2 ? -3.483  -6.396  1.073   1.00 11.34 ? 67   C   B C4    1 
ATOM   184 N N4    . C   B 2 2 ? -3.695  -5.374  1.883   1.00 13.09 ? 67   C   B N4    1 
ATOM   185 C C5    . C   B 2 2 ? -2.565  -7.423  1.463   1.00 12.25 ? 67   C   B C5    1 
ATOM   186 C C6    . C   B 2 2 ? -2.396  -8.430  0.617   1.00 10.71 ? 67   C   B C6    1 
ATOM   187 P P     . A   B 2 3 ? 1.566   -8.659  -2.934  1.00 14.39 ? 68   A   B P     1 
ATOM   188 O OP1   . A   B 2 3 ? 2.675   -9.287  -3.660  1.00 13.71 ? 68   A   B OP1   1 
ATOM   189 O OP2   . A   B 2 3 ? 1.863   -7.963  -1.678  1.00 14.22 ? 68   A   B OP2   1 
ATOM   190 O "O5'" . A   B 2 3 ? 0.806   -7.596  -3.825  1.00 12.31 ? 68   A   B "O5'" 1 
ATOM   191 C "C5'" . A   B 2 3 ? 0.358   -7.998  -5.123  1.00 11.35 ? 68   A   B "C5'" 1 
ATOM   192 C "C4'" . A   B 2 3 ? -0.701  -7.027  -5.591  1.00 9.57  ? 68   A   B "C4'" 1 
ATOM   193 O "O4'" . A   B 2 3 ? -1.778  -6.895  -4.622  1.00 9.43  ? 68   A   B "O4'" 1 
ATOM   194 C "C3'" . A   B 2 3 ? -0.198  -5.603  -5.801  1.00 8.95  ? 68   A   B "C3'" 1 
ATOM   195 O "O3'" . A   B 2 3 ? 0.475   -5.505  -7.053  1.00 10.21 ? 68   A   B "O3'" 1 
ATOM   196 C "C2'" . A   B 2 3 ? -1.514  -4.864  -5.787  1.00 8.74  ? 68   A   B "C2'" 1 
ATOM   197 O "O2'" . A   B 2 3 ? -2.189  -5.150  -6.997  1.00 9.44  ? 68   A   B "O2'" 1 
ATOM   198 C "C1'" . A   B 2 3 ? -2.213  -5.547  -4.643  1.00 8.77  ? 68   A   B "C1'" 1 
ATOM   199 N N9    . A   B 2 3 ? -1.976  -4.964  -3.319  1.00 8.03  ? 68   A   B N9    1 
ATOM   200 C C8    . A   B 2 3 ? -1.205  -5.480  -2.323  1.00 8.12  ? 68   A   B C8    1 
ATOM   201 N N7    . A   B 2 3 ? -1.236  -4.771  -1.223  1.00 7.50  ? 68   A   B N7    1 
ATOM   202 C C5    . A   B 2 3 ? -2.100  -3.730  -1.514  1.00 7.36  ? 68   A   B C5    1 
ATOM   203 C C6    . A   B 2 3 ? -2.573  -2.641  -0.763  1.00 7.42  ? 68   A   B C6    1 
ATOM   204 N N6    . A   B 2 3 ? -2.216  -2.430  0.512   1.00 8.28  ? 68   A   B N6    1 
ATOM   205 N N1    . A   B 2 3 ? -3.423  -1.771  -1.357  1.00 8.05  ? 68   A   B N1    1 
ATOM   206 C C2    . A   B 2 3 ? -3.806  -1.981  -2.625  1.00 7.81  ? 68   A   B C2    1 
ATOM   207 N N3    . A   B 2 3 ? -3.415  -2.982  -3.421  1.00 8.40  ? 68   A   B N3    1 
ATOM   208 C C4    . A   B 2 3 ? -2.585  -3.838  -2.795  1.00 7.54  ? 68   A   B C4    1 
ATOM   209 P P     . A   B 2 4 ? 1.527   -4.333  -7.294  1.00 11.51 ? 69   A   B P     1 
ATOM   210 O OP1   . A   B 2 4 ? 2.096   -4.591  -8.641  1.00 13.62 ? 69   A   B OP1   1 
ATOM   211 O OP2   . A   B 2 4 ? 2.418   -4.150  -6.127  1.00 12.40 ? 69   A   B OP2   1 
ATOM   212 O "O5'" . A   B 2 4 ? 0.646   -3.024  -7.355  1.00 10.26 ? 69   A   B "O5'" 1 
ATOM   213 C "C5'" . A   B 2 4 ? -0.268  -2.781  -8.400  1.00 11.19 ? 69   A   B "C5'" 1 
ATOM   214 C "C4'" . A   B 2 4 ? -1.041  -1.535  -8.057  1.00 10.78 ? 69   A   B "C4'" 1 
ATOM   215 O "O4'" . A   B 2 4 ? -1.751  -1.739  -6.821  1.00 10.35 ? 69   A   B "O4'" 1 
ATOM   216 C "C3'" . A   B 2 4 ? -0.205  -0.298  -7.790  1.00 10.56 ? 69   A   B "C3'" 1 
ATOM   217 O "O3'" . A   B 2 4 ? 0.120   0.314   -9.006  1.00 11.66 ? 69   A   B "O3'" 1 
ATOM   218 C "C2'" . A   B 2 4 ? -1.157  0.567   -6.970  1.00 10.09 ? 69   A   B "C2'" 1 
ATOM   219 O "O2'" . A   B 2 4 ? -2.202  1.123   -7.741  1.00 13.40 ? 69   A   B "O2'" 1 
ATOM   220 C "C1'" . A   B 2 4 ? -1.727  -0.522  -6.088  1.00 11.13 ? 69   A   B "C1'" 1 
ATOM   221 N N9    . A   B 2 4 ? -1.015  -0.751  -4.833  1.00 9.13  ? 69   A   B N9    1 
ATOM   222 C C8    . A   B 2 4 ? -0.126  -1.748  -4.531  1.00 10.23 ? 69   A   B C8    1 
ATOM   223 N N7    . A   B 2 4 ? 0.301   -1.737  -3.285  1.00 10.85 ? 69   A   B N7    1 
ATOM   224 C C5    . A   B 2 4 ? -0.432  -0.632  -2.758  1.00 11.45 ? 69   A   B C5    1 
ATOM   225 C C6    . A   B 2 4 ? -0.476  -0.069  -1.484  1.00 12.24 ? 69   A   B C6    1 
ATOM   226 N N6    . A   B 2 4 ? 0.239   -0.596  -0.492  1.00 13.25 ? 69   A   B N6    1 
ATOM   227 N N1    . A   B 2 4 ? -1.274  0.998   -1.284  1.00 13.58 ? 69   A   B N1    1 
ATOM   228 C C2    . A   B 2 4 ? -1.991  1.467   -2.318  1.00 12.11 ? 69   A   B C2    1 
ATOM   229 N N3    . A   B 2 4 ? -2.057  1.038   -3.597  1.00 10.54 ? 69   A   B N3    1 
ATOM   230 C C4    . A   B 2 4 ? -1.243  -0.020  -3.707  1.00 11.30 ? 69   A   B C4    1 
ATOM   231 P P     . C   B 2 5 ? 1.547   0.999   -9.188  1.00 11.86 ? 70   C   B P     1 
ATOM   232 O OP1   . C   B 2 5 ? 1.656   1.305   -10.631 1.00 14.63 ? 70   C   B OP1   1 
ATOM   233 O OP2   . C   B 2 5 ? 2.568   0.160   -8.551  1.00 12.18 ? 70   C   B OP2   1 
ATOM   234 O "O5'" . C   B 2 5 ? 1.441   2.336   -8.321  1.00 9.99  ? 70   C   B "O5'" 1 
ATOM   235 C "C5'" . C   B 2 5 ? 0.604   3.390   -8.785  1.00 10.22 ? 70   C   B "C5'" 1 
ATOM   236 C "C4'" . C   B 2 5 ? 0.471   4.432   -7.709  1.00 9.63  ? 70   C   B "C4'" 1 
ATOM   237 O "O4'" . C   B 2 5 ? -0.216  3.854   -6.581  1.00 10.07 ? 70   C   B "O4'" 1 
ATOM   238 C "C3'" . C   B 2 5 ? 1.773   4.913   -7.099  1.00 9.59  ? 70   C   B "C3'" 1 
ATOM   239 O "O3'" . C   B 2 5 ? 2.406   5.843   -7.967  1.00 10.15 ? 70   C   B "O3'" 1 
ATOM   240 C "C2'" . C   B 2 5 ? 1.253   5.544   -5.819  1.00 10.30 ? 70   C   B "C2'" 1 
ATOM   241 O "O2'" . C   B 2 5 ? 0.579   6.749   -6.127  1.00 11.01 ? 70   C   B "O2'" 1 
ATOM   242 C "C1'" . C   B 2 5 ? 0.264   4.460   -5.405  1.00 10.16 ? 70   C   B "C1'" 1 
ATOM   243 N N1    . C   B 2 5 ? 0.907   3.412   -4.555  1.00 8.73  ? 70   C   B N1    1 
ATOM   244 C C2    . C   B 2 5 ? 1.007   3.683   -3.196  1.00 9.80  ? 70   C   B C2    1 
ATOM   245 O O2    . C   B 2 5 ? 0.563   4.744   -2.745  1.00 11.32 ? 70   C   B O2    1 
ATOM   246 N N3    . C   B 2 5 ? 1.589   2.765   -2.406  1.00 8.72  ? 70   C   B N3    1 
ATOM   247 C C4    . C   B 2 5 ? 2.080   1.637   -2.879  1.00 9.42  ? 70   C   B C4    1 
ATOM   248 N N4    . C   B 2 5 ? 2.643   0.800   -2.036  1.00 7.95  ? 70   C   B N4    1 
ATOM   249 C C5    . C   B 2 5 ? 2.021   1.358   -4.275  1.00 8.81  ? 70   C   B C5    1 
ATOM   250 C C6    . C   B 2 5 ? 1.428   2.249   -5.069  1.00 9.34  ? 70   C   B C6    1 
ATOM   251 P P     . G   B 2 6 ? 3.996   5.952   -7.967  1.00 10.52 ? 71   G   B P     1 
ATOM   252 O OP1   . G   B 2 6 ? 4.311   6.841   -9.100  1.00 12.03 ? 71   G   B OP1   1 
ATOM   253 O OP2   . G   B 2 6 ? 4.599   4.620   -7.887  1.00 10.41 ? 71   G   B OP2   1 
ATOM   254 O "O5'" . G   B 2 6 ? 4.358   6.685   -6.591  1.00 9.69  ? 71   G   B "O5'" 1 
ATOM   255 C "C5'" . G   B 2 6 ? 3.961   8.030   -6.370  1.00 10.86 ? 71   G   B "C5'" 1 
ATOM   256 C "C4'" . G   B 2 6 ? 4.102   8.350   -4.901  1.00 9.89  ? 71   G   B "C4'" 1 
ATOM   257 O "O4'" . G   B 2 6 ? 3.267   7.458   -4.127  1.00 10.11 ? 71   G   B "O4'" 1 
ATOM   258 C "C3'" . G   B 2 6 ? 5.475   8.153   -4.282  1.00 10.10 ? 71   G   B "C3'" 1 
ATOM   259 O "O3'" . G   B 2 6 ? 6.338   9.228   -4.654  1.00 11.05 ? 71   G   B "O3'" 1 
ATOM   260 C "C2'" . G   B 2 6 ? 5.095   8.154   -2.806  1.00 9.57  ? 71   G   B "C2'" 1 
ATOM   261 O "O2'" . G   B 2 6 ? 4.762   9.451   -2.364  1.00 11.62 ? 71   G   B "O2'" 1 
ATOM   262 C "C1'" . G   B 2 6 ? 3.870   7.247   -2.863  1.00 9.66  ? 71   G   B "C1'" 1 
ATOM   263 N N9    . G   B 2 6 ? 4.201   5.831   -2.709  1.00 9.10  ? 71   G   B N9    1 
ATOM   264 C C8    . G   B 2 6 ? 4.270   4.814   -3.649  1.00 9.87  ? 71   G   B C8    1 
ATOM   265 N N7    . G   B 2 6 ? 4.622   3.665   -3.145  1.00 8.66  ? 71   G   B N7    1 
ATOM   266 C C5    . G   B 2 6 ? 4.794   3.944   -1.788  1.00 8.54  ? 71   G   B C5    1 
ATOM   267 C C6    . G   B 2 6 ? 5.170   3.098   -0.716  1.00 8.33  ? 71   G   B C6    1 
ATOM   268 O O6    . G   B 2 6 ? 5.450   1.896   -0.743  1.00 9.72  ? 71   G   B O6    1 
ATOM   269 N N1    . G   B 2 6 ? 5.251   3.786   0.503   1.00 8.84  ? 71   G   B N1    1 
ATOM   270 C C2    . G   B 2 6 ? 4.988   5.122   0.666   1.00 8.97  ? 71   G   B C2    1 
ATOM   271 N N2    . G   B 2 6 ? 5.112   5.638   1.902   1.00 9.15  ? 71   G   B N2    1 
ATOM   272 N N3    . G   B 2 6 ? 4.623   5.913   -0.322  1.00 9.40  ? 71   G   B N3    1 
ATOM   273 C C4    . G   B 2 6 ? 4.547   5.263   -1.513  1.00 8.31  ? 71   G   B C4    1 
ATOM   274 P P     . C   B 2 7 ? 7.924   8.999   -4.685  1.00 13.65 ? 72   C   B P     1 
ATOM   275 O OP1   . C   B 2 7 ? 8.498   10.279  -5.147  1.00 14.50 ? 72   C   B OP1   1 
ATOM   276 O OP2   . C   B 2 7 ? 8.224   7.745   -5.416  1.00 13.30 ? 72   C   B OP2   1 
ATOM   277 O "O5'" . C   B 2 7 ? 8.283   8.756   -3.151  1.00 13.79 ? 72   C   B "O5'" 1 
ATOM   278 C "C5'" . C   B 2 7 ? 8.178   9.831   -2.203  1.00 12.79 ? 72   C   B "C5'" 1 
ATOM   279 C "C4'" . C   B 2 7 ? 8.539   9.330   -0.818  1.00 12.30 ? 72   C   B "C4'" 1 
ATOM   280 O "O4'" . C   B 2 7 ? 7.625   8.274   -0.415  1.00 13.11 ? 72   C   B "O4'" 1 
ATOM   281 C "C3'" . C   B 2 7 ? 9.893   8.648   -0.687  1.00 12.34 ? 72   C   B "C3'" 1 
ATOM   282 O "O3'" . C   B 2 7 ? 10.961  9.597   -0.707  1.00 12.84 ? 72   C   B "O3'" 1 
ATOM   283 C "C2'" . C   B 2 7 ? 9.714   7.942   0.652   1.00 12.32 ? 72   C   B "C2'" 1 
ATOM   284 O "O2'" . C   B 2 7 ? 9.800   8.838   1.740   1.00 13.37 ? 72   C   B "O2'" 1 
ATOM   285 C "C1'" . C   B 2 7 ? 8.278   7.422   0.508   1.00 12.34 ? 72   C   B "C1'" 1 
ATOM   286 N N1    . C   B 2 7 ? 8.300   6.040   -0.029  1.00 12.12 ? 72   C   B N1    1 
ATOM   287 C C2    . C   B 2 7 ? 8.561   4.955   0.821   1.00 12.16 ? 72   C   B C2    1 
ATOM   288 O O2    . C   B 2 7 ? 8.720   5.140   2.033   1.00 14.56 ? 72   C   B O2    1 
ATOM   289 N N3    . C   B 2 7 ? 8.614   3.705   0.306   1.00 13.77 ? 72   C   B N3    1 
ATOM   290 C C4    . C   B 2 7 ? 8.447   3.493   -0.978  1.00 14.05 ? 72   C   B C4    1 
ATOM   291 N N4    . C   B 2 7 ? 8.509   2.244   -1.442  1.00 15.67 ? 72   C   B N4    1 
ATOM   292 C C5    . C   B 2 7 ? 8.202   4.567   -1.846  1.00 13.51 ? 72   C   B C5    1 
ATOM   293 C C6    . C   B 2 7 ? 8.143   5.806   -1.361  1.00 12.79 ? 72   C   B C6    1 
HETATM 294 O O     . HOH C 3 . ? 7.493   -1.325  -1.545  1.00 44.18 ? 2001 HOH A O     1 
HETATM 295 O O     . HOH C 3 . ? 10.569  2.000   7.966   1.00 18.72 ? 2002 HOH A O     1 
HETATM 296 O O     . HOH C 3 . ? 10.192  4.142   6.601   1.00 21.99 ? 2003 HOH A O     1 
HETATM 297 O O     . HOH C 3 . ? 9.453   -1.059  11.014  1.00 23.36 ? 2004 HOH A O     1 
HETATM 298 O O     . HOH C 3 . ? 6.169   -5.090  6.087   1.00 35.54 ? 2005 HOH A O     1 
HETATM 299 O O     . HOH C 3 . ? 10.691  -6.578  4.870   1.00 32.75 ? 2006 HOH A O     1 
HETATM 300 O O     . HOH C 3 . ? 9.677   3.514   10.330  1.00 37.72 ? 2007 HOH A O     1 
HETATM 301 O O     . HOH C 3 . ? 1.904   -4.376  5.789   1.00 39.97 ? 2008 HOH A O     1 
HETATM 302 O O     . HOH C 3 . ? -6.094  -0.292  -5.904  1.00 39.10 ? 2009 HOH A O     1 
HETATM 303 O O     . HOH C 3 . ? -1.892  -0.119  10.778  1.00 35.80 ? 2010 HOH A O     1 
HETATM 304 O O     . HOH C 3 . ? 6.823   6.224   5.536   1.00 17.59 ? 2011 HOH A O     1 
HETATM 305 O O     . HOH C 3 . ? 3.521   -2.295  5.220   1.00 25.45 ? 2012 HOH A O     1 
HETATM 306 O O     . HOH C 3 . ? 5.869   -2.723  1.921   1.00 22.80 ? 2013 HOH A O     1 
HETATM 307 O O     . HOH C 3 . ? 7.624   -2.873  11.902  1.00 43.88 ? 2014 HOH A O     1 
HETATM 308 O O     . HOH C 3 . ? 0.131   1.540   11.986  1.00 37.86 ? 2015 HOH A O     1 
HETATM 309 O O     . HOH C 3 . ? 2.828   -1.387  2.332   1.00 21.25 ? 2016 HOH A O     1 
HETATM 310 O O     . HOH C 3 . ? -1.065  9.653   4.410   1.00 12.99 ? 2017 HOH A O     1 
HETATM 311 O O     . HOH C 3 . ? -0.509  7.169   -1.685  1.00 32.63 ? 2018 HOH A O     1 
HETATM 312 O O     . HOH C 3 . ? 4.226   2.639   12.129  1.00 35.30 ? 2019 HOH A O     1 
HETATM 313 O O     . HOH C 3 . ? 3.001   -0.878  7.042   1.00 24.49 ? 2020 HOH A O     1 
HETATM 314 O O     . HOH C 3 . ? 2.376   -0.171  4.745   1.00 27.58 ? 2021 HOH A O     1 
HETATM 315 O O     . HOH C 3 . ? 1.250   8.050   1.645   1.00 21.10 ? 2022 HOH A O     1 
HETATM 316 O O     . HOH C 3 . ? -0.293  1.583   6.879   1.00 18.95 ? 2023 HOH A O     1 
HETATM 317 O O     . HOH C 3 . ? -1.674  6.802   10.564  1.00 18.81 ? 2024 HOH A O     1 
HETATM 318 O O     . HOH C 3 . ? -5.861  9.236   1.077   1.00 19.51 ? 2025 HOH A O     1 
HETATM 319 O O     . HOH C 3 . ? -3.175  6.351   -1.195  1.00 25.01 ? 2026 HOH A O     1 
HETATM 320 O O     . HOH C 3 . ? -4.049  2.539   5.540   1.00 27.45 ? 2027 HOH A O     1 
HETATM 321 O O     . HOH C 3 . ? 0.026   -1.187  3.818   1.00 16.44 ? 2028 HOH A O     1 
HETATM 322 O O     . HOH C 3 . ? -6.973  1.490   4.595   1.00 28.64 ? 2029 HOH A O     1 
HETATM 323 O O     . HOH C 3 . ? -10.433 6.852   4.150   1.00 33.09 ? 2030 HOH A O     1 
HETATM 324 O O     . HOH C 3 . ? -4.324  2.330   -4.465  1.00 10.07 ? 2031 HOH A O     1 
HETATM 325 O O     . HOH C 3 . ? -5.254  -2.161  3.394   1.00 29.71 ? 2032 HOH A O     1 
HETATM 326 O O     . HOH C 3 . ? -12.701 -1.417  -6.146  1.00 18.87 ? 2033 HOH A O     1 
HETATM 327 O O     . HOH C 3 . ? -8.149  0.431   2.335   1.00 21.46 ? 2034 HOH A O     1 
HETATM 328 O O     . HOH C 3 . ? -12.677 5.222   -2.060  1.00 31.43 ? 2035 HOH A O     1 
HETATM 329 O O     . HOH C 3 . ? -14.234 1.764   -0.023  1.00 33.96 ? 2036 HOH A O     1 
HETATM 330 O O     . HOH C 3 . ? -11.887 6.302   0.098   1.00 30.64 ? 2037 HOH A O     1 
HETATM 331 O O     . HOH C 3 . ? -8.962  -0.574  -6.731  1.00 23.30 ? 2038 HOH A O     1 
HETATM 332 O O     . HOH C 3 . ? -13.209 -9.835  -3.347  1.00 13.04 ? 2039 HOH A O     1 
HETATM 333 O O     . HOH C 3 . ? -16.312 -3.739  -2.112  1.00 31.80 ? 2040 HOH A O     1 
HETATM 334 O O     . HOH C 3 . ? -15.482 -6.222  -1.004  1.00 29.45 ? 2041 HOH A O     1 
HETATM 335 O O     . HOH C 3 . ? -11.231 -0.728  1.302   1.00 23.70 ? 2042 HOH A O     1 
HETATM 336 O O     . HOH C 3 . ? -9.144  -9.621  -2.224  1.00 10.25 ? 2043 HOH A O     1 
HETATM 337 O O     . HOH D 3 . ? -1.119  -2.353  -12.054 1.00 33.35 ? 2001 HOH B O     1 
HETATM 338 O O     . HOH D 3 . ? -1.231  -5.084  -11.619 1.00 38.67 ? 2002 HOH B O     1 
HETATM 339 O O     . HOH D 3 . ? 15.021  8.653   -5.898  1.00 40.77 ? 2003 HOH B O     1 
HETATM 340 O O     . HOH D 3 . ? -4.904  -12.808 0.989   1.00 21.20 ? 2004 HOH B O     1 
HETATM 341 O O     . HOH D 3 . ? -3.400  -4.951  7.176   1.00 34.47 ? 2005 HOH B O     1 
HETATM 342 O O     . HOH D 3 . ? -2.037  -5.455  4.393   1.00 19.92 ? 2006 HOH B O     1 
HETATM 343 O O     . HOH D 3 . ? 4.485   -10.706 0.489   1.00 47.39 ? 2007 HOH B O     1 
HETATM 344 O O     . HOH D 3 . ? 2.649   -13.830 3.126   1.00 28.40 ? 2008 HOH B O     1 
HETATM 345 O O     . HOH D 3 . ? -0.314  -7.647  4.399   1.00 30.95 ? 2009 HOH B O     1 
HETATM 346 O O     . HOH D 3 . ? 3.683   -8.690  -5.844  1.00 24.59 ? 2010 HOH B O     1 
HETATM 347 O O     . HOH D 3 . ? -1.648  -6.528  -9.334  1.00 16.39 ? 2011 HOH B O     1 
HETATM 348 O O     . HOH D 3 . ? 2.997   -5.523  -1.822  1.00 26.84 ? 2012 HOH B O     1 
HETATM 349 O O     . HOH D 3 . ? -0.312  -3.562  2.614   1.00 20.15 ? 2013 HOH B O     1 
HETATM 350 O O     . HOH D 3 . ? 1.763   -7.518  0.846   1.00 18.80 ? 2014 HOH B O     1 
HETATM 351 O O     . HOH D 3 . ? 0.644   -5.124  0.737   1.00 17.38 ? 2015 HOH B O     1 
HETATM 352 O O     . HOH D 3 . ? 2.371   -12.044 -3.549  1.00 20.42 ? 2016 HOH B O     1 
HETATM 353 O O     . HOH D 3 . ? 3.189   -2.284  -9.619  1.00 35.74 ? 2017 HOH B O     1 
HETATM 354 O O     . HOH D 3 . ? 2.167   -3.773  -3.495  1.00 34.27 ? 2018 HOH B O     1 
HETATM 355 O O     . HOH D 3 . ? 1.421   -7.521  -9.397  1.00 25.55 ? 2019 HOH B O     1 
HETATM 356 O O     . HOH D 3 . ? 4.512   -5.961  -5.762  1.00 33.19 ? 2020 HOH B O     1 
HETATM 357 O O     . HOH D 3 . ? -2.986  0.841   -10.335 1.00 17.97 ? 2021 HOH B O     1 
HETATM 358 O O     . HOH D 3 . ? 3.200   -1.356  -6.106  1.00 17.33 ? 2022 HOH B O     1 
HETATM 359 O O     . HOH D 3 . ? 2.123   -2.927  0.076   1.00 17.93 ? 2023 HOH B O     1 
HETATM 360 O O     . HOH D 3 . ? -0.823  7.903   -4.212  0.50 20.76 ? 2024 HOH B O     1 
HETATM 361 O O     . HOH D 3 . ? 3.325   3.059   -11.958 1.00 30.48 ? 2025 HOH B O     1 
HETATM 362 O O     . HOH D 3 . ? 0.782   8.634   -8.031  1.00 19.85 ? 2026 HOH B O     1 
HETATM 363 O O     . HOH D 3 . ? 5.640   5.215   -11.491 1.00 47.51 ? 2027 HOH B O     1 
HETATM 364 O O     . HOH D 3 . ? 3.800   8.819   0.198   1.00 19.77 ? 2028 HOH B O     1 
HETATM 365 O O     . HOH D 3 . ? 7.055   4.189   -6.991  1.00 32.81 ? 2029 HOH B O     1 
HETATM 366 O O     . HOH D 3 . ? 5.564   1.529   -4.594  1.00 15.30 ? 2030 HOH B O     1 
HETATM 367 O O     . HOH D 3 . ? 5.110   -0.115  -2.317  1.00 15.27 ? 2031 HOH B O     1 
HETATM 368 O O     . HOH D 3 . ? 4.546   1.944   -7.133  1.00 16.24 ? 2032 HOH B O     1 
HETATM 369 O O     . HOH D 3 . ? 10.462  6.359   -5.390  1.00 35.92 ? 2033 HOH B O     1 
HETATM 370 O O     . HOH D 3 . ? 8.211   1.570   -4.227  1.00 24.93 ? 2034 HOH B O     1 
HETATM 371 O O     . HOH D 3 . ? 11.791  10.729  1.829   1.00 39.28 ? 2035 HOH B O     1 
HETATM 372 O O     . HOH D 3 . ? 7.976   12.820  -3.850  1.00 22.16 ? 2036 HOH B O     1 
HETATM 373 O O     . HOH D 3 . ? 12.253  9.353   -3.215  1.00 25.63 ? 2037 HOH B O     1 
HETATM 374 O O     . HOH D 3 . ? 8.045   5.251   -4.855  1.00 30.22 ? 2038 HOH B O     1 
HETATM 375 O O     . HOH D 3 . ? 10.601  12.277  0.239   1.00 23.71 ? 2039 HOH B O     1 
HETATM 376 O O     . HOH D 3 . ? 8.284   7.733   -8.095  1.00 15.39 ? 2040 HOH B O     1 
HETATM 377 O O     . HOH D 3 . ? 7.383   10.332  2.367   1.00 15.47 ? 2041 HOH B O     1 
HETATM 378 O O     . HOH D 3 . ? 9.980   7.203   3.976   1.00 16.78 ? 2042 HOH B O     1 
# 
loop_
_atom_site_anisotrop.id 
_atom_site_anisotrop.type_symbol 
_atom_site_anisotrop.pdbx_label_atom_id 
_atom_site_anisotrop.pdbx_label_alt_id 
_atom_site_anisotrop.pdbx_label_comp_id 
_atom_site_anisotrop.pdbx_label_asym_id 
_atom_site_anisotrop.pdbx_label_seq_id 
_atom_site_anisotrop.pdbx_PDB_ins_code 
_atom_site_anisotrop.U[1][1] 
_atom_site_anisotrop.U[2][2] 
_atom_site_anisotrop.U[3][3] 
_atom_site_anisotrop.U[1][2] 
_atom_site_anisotrop.U[1][3] 
_atom_site_anisotrop.U[2][3] 
_atom_site_anisotrop.pdbx_auth_seq_id 
_atom_site_anisotrop.pdbx_auth_comp_id 
_atom_site_anisotrop.pdbx_auth_asym_id 
_atom_site_anisotrop.pdbx_auth_atom_id 
1   O "O5'" . G   A 1 ? 0.2591 0.2348 0.2505 0.0090  0.0007  -0.0003 1    G   A "O5'" 
2   C "C5'" . G   A 1 ? 0.2130 0.1652 0.2224 0.0166  -0.0013 0.0186  1    G   A "C5'" 
3   C "C4'" . G   A 1 ? 0.1627 0.1668 0.2086 0.0242  -0.0016 0.0180  1    G   A "C4'" 
4   O "O4'" . G   A 1 ? 0.1592 0.1560 0.2036 0.0393  0.0039  0.0234  1    G   A "O4'" 
5   C "C3'" . G   A 1 ? 0.1460 0.1446 0.1837 0.0253  0.0000  0.0270  1    G   A "C3'" 
6   O "O3'" . G   A 1 ? 0.1623 0.1503 0.1900 0.0260  0.0012  0.0531  1    G   A "O3'" 
7   C "C2'" . G   A 1 ? 0.1296 0.1515 0.1763 0.0218  0.0019  0.0166  1    G   A "C2'" 
8   O "O2'" . G   A 1 ? 0.1370 0.1572 0.1756 0.0317  -0.0092 0.0240  1    G   A "O2'" 
9   C "C1'" . G   A 1 ? 0.1352 0.1583 0.1925 0.0208  0.0035  0.0102  1    G   A "C1'" 
10  N N9    . G   A 1 ? 0.1137 0.1734 0.1900 0.0186  0.0102  0.0149  1    G   A N9    
11  C C8    . G   A 1 ? 0.1480 0.1870 0.2041 0.0160  0.0082  0.0133  1    G   A C8    
12  N N7    . G   A 1 ? 0.1619 0.2009 0.2087 0.0111  0.0111  0.0020  1    G   A N7    
13  C C5    . G   A 1 ? 0.1255 0.1903 0.1898 0.0126  0.0113  0.0170  1    G   A C5    
14  C C6    . G   A 1 ? 0.1716 0.1955 0.2081 -0.0023 0.0051  0.0047  1    G   A C6    
15  O O6    . G   A 1 ? 0.1750 0.2154 0.2087 0.0013  0.0018  0.0128  1    G   A O6    
16  N N1    . G   A 1 ? 0.1572 0.1944 0.2057 0.0107  0.0100  0.0016  1    G   A N1    
17  C C2    . G   A 1 ? 0.1494 0.1811 0.1931 0.0057  0.0052  0.0238  1    G   A C2    
18  N N2    . G   A 1 ? 0.1206 0.1825 0.1821 0.0194  0.0060  0.0207  1    G   A N2    
19  N N3    . G   A 1 ? 0.1315 0.1820 0.1892 -0.0083 0.0080  0.0129  1    G   A N3    
20  C C4    . G   A 1 ? 0.1095 0.1707 0.1900 0.0193  0.0229  0.0209  1    G   A C4    
21  P P     . C   A 2 ? 0.1846 0.2150 0.2367 0.0157  0.0333  0.0617  2    C   A P     
22  O OP1   . C   A 2 ? 0.2141 0.1987 0.2149 0.0295  0.0060  0.0789  2    C   A OP1   
23  O OP2   . C   A 2 ? 0.1615 0.2015 0.2279 -0.0010 0.0090  0.0506  2    C   A OP2   
24  O "O5'" . C   A 2 ? 0.1632 0.1983 0.1938 0.0082  0.0171  0.0346  2    C   A "O5'" 
25  C "C5'" . C   A 2 ? 0.1585 0.1563 0.1702 0.0152  0.0107  0.0407  2    C   A "C5'" 
26  C "C4'" . C   A 2 ? 0.1349 0.1519 0.1233 0.0279  0.0115  0.0380  2    C   A "C4'" 
27  O "O4'" . C   A 2 ? 0.1391 0.1574 0.1177 0.0323  0.0068  0.0228  2    C   A "O4'" 
28  C "C3'" . C   A 2 ? 0.1404 0.1403 0.1330 0.0305  0.0155  0.0364  2    C   A "C3'" 
29  O "O3'" . C   A 2 ? 0.1419 0.1706 0.1158 0.0319  0.0205  0.0357  2    C   A "O3'" 
30  C "C2'" . C   A 2 ? 0.1236 0.1322 0.1300 0.0269  0.0011  0.0287  2    C   A "C2'" 
31  O "O2'" . C   A 2 ? 0.1520 0.1558 0.1164 0.0160  0.0010  0.0152  2    C   A "O2'" 
32  C "C1'" . C   A 2 ? 0.1169 0.1342 0.1219 0.0129  0.0025  0.0174  2    C   A "C1'" 
33  N N1    . C   A 2 ? 0.1071 0.1290 0.1045 0.0188  0.0063  0.0270  2    C   A N1    
34  C C2    . C   A 2 ? 0.0972 0.1214 0.0974 0.0144  0.0016  0.0248  2    C   A C2    
35  O O2    . C   A 2 ? 0.1204 0.1187 0.1168 0.0073  -0.0082 0.0175  2    C   A O2    
36  N N3    . C   A 2 ? 0.1077 0.1081 0.1060 0.0098  -0.0016 0.0087  2    C   A N3    
37  C C4    . C   A 2 ? 0.1013 0.1213 0.1209 0.0118  0.0040  0.0189  2    C   A C4    
38  N N4    . C   A 2 ? 0.1394 0.1128 0.1409 0.0073  -0.0081 0.0056  2    C   A N4    
39  C C5    . C   A 2 ? 0.1225 0.1263 0.1288 0.0115  -0.0002 0.0196  2    C   A C5    
40  C C6    . C   A 2 ? 0.1105 0.1367 0.1301 0.0143  0.0141  0.0192  2    C   A C6    
41  P P     . G   A 3 ? 0.1607 0.1587 0.1468 0.0285  0.0424  0.0325  3    G   A P     
42  O OP1   . G   A 3 ? 0.1695 0.1821 0.1411 0.0260  0.0305  0.0448  3    G   A OP1   
43  O OP2   . G   A 3 ? 0.1609 0.1517 0.1900 0.0171  0.0449  0.0332  3    G   A OP2   
44  O "O5'" . G   A 3 ? 0.1285 0.1276 0.1241 0.0157  0.0154  0.0005  3    G   A "O5'" 
45  C "C5'" . G   A 3 ? 0.1256 0.1136 0.1100 0.0191  0.0033  -0.0124 3    G   A "C5'" 
46  C "C4'" . G   A 3 ? 0.1174 0.1423 0.1045 0.0096  -0.0024 -0.0050 3    G   A "C4'" 
47  O "O4'" . G   A 3 ? 0.1173 0.1271 0.1054 0.0063  -0.0120 -0.0140 3    G   A "O4'" 
48  C "C3'" . G   A 3 ? 0.1124 0.1398 0.1115 0.0118  -0.0017 -0.0107 3    G   A "C3'" 
49  O "O3'" . G   A 3 ? 0.1166 0.1485 0.1291 0.0203  0.0018  -0.0212 3    G   A "O3'" 
50  C "C2'" . G   A 3 ? 0.1207 0.1407 0.1225 0.0153  0.0000  0.0002  3    G   A "C2'" 
51  O "O2'" . G   A 3 ? 0.1586 0.1499 0.1457 0.0201  0.0095  0.0217  3    G   A "O2'" 
52  C "C1'" . G   A 3 ? 0.1225 0.1344 0.1057 0.0139  -0.0042 0.0063  3    G   A "C1'" 
53  N N9    . G   A 3 ? 0.1191 0.1338 0.0837 -0.0038 0.0025  -0.0046 3    G   A N9    
54  C C8    . G   A 3 ? 0.1181 0.1356 0.0946 -0.0024 -0.0007 0.0003  3    G   A C8    
55  N N7    . G   A 3 ? 0.1142 0.1251 0.1061 -0.0024 0.0055  0.0087  3    G   A N7    
56  C C5    . G   A 3 ? 0.1171 0.1380 0.1026 -0.0007 -0.0014 0.0065  3    G   A C5    
57  C C6    . G   A 3 ? 0.1068 0.1311 0.0993 0.0019  0.0073  0.0065  3    G   A C6    
58  O O6    . G   A 3 ? 0.1409 0.1499 0.1281 -0.0013 0.0042  0.0020  3    G   A O6    
59  N N1    . G   A 3 ? 0.1178 0.1519 0.0941 0.0014  -0.0057 0.0027  3    G   A N1    
60  C C2    . G   A 3 ? 0.1261 0.1502 0.1092 -0.0017 0.0077  -0.0018 3    G   A C2    
61  N N2    . G   A 3 ? 0.2087 0.2138 0.2586 -0.0121 0.0278  -0.0237 3    G   A N2    
62  N N3    . G   A 3 ? 0.1272 0.1559 0.0770 0.0079  -0.0098 0.0139  3    G   A N3    
63  C C4    . G   A 3 ? 0.1168 0.1421 0.0963 -0.0029 -0.0092 -0.0007 3    G   A C4    
64  P P     . U   A 4 ? 0.1259 0.1627 0.1159 0.0196  0.0120  -0.0123 4    U   A P     
65  O OP1   . U   A 4 ? 0.1319 0.1807 0.1175 0.0275  0.0235  -0.0230 4    U   A OP1   
66  O OP2   . U   A 4 ? 0.1347 0.1584 0.1499 -0.0039 0.0269  -0.0006 4    U   A OP2   
67  O "O5'" . U   A 4 ? 0.1166 0.1427 0.1260 0.0142  0.0077  -0.0246 4    U   A "O5'" 
68  C "C5'" . U   A 4 ? 0.1265 0.1442 0.1063 0.0110  -0.0084 -0.0266 4    U   A "C5'" 
69  C "C4'" . U   A 4 ? 0.1127 0.1412 0.1105 0.0063  -0.0129 -0.0319 4    U   A "C4'" 
70  O "O4'" . U   A 4 ? 0.1168 0.1207 0.1103 0.0042  -0.0104 -0.0220 4    U   A "O4'" 
71  C "C3'" . U   A 4 ? 0.1119 0.1307 0.1272 0.0123  -0.0113 -0.0388 4    U   A "C3'" 
72  O "O3'" . U   A 4 ? 0.1384 0.1588 0.1437 0.0264  -0.0113 -0.0617 4    U   A "O3'" 
73  C "C2'" . U   A 4 ? 0.1240 0.1330 0.1274 0.0131  -0.0175 -0.0173 4    U   A "C2'" 
74  O "O2'" . U   A 4 ? 0.1737 0.1456 0.1363 0.0332  -0.0237 -0.0115 4    U   A "O2'" 
75  C "C1'" . U   A 4 ? 0.1124 0.1330 0.1118 0.0075  -0.0088 -0.0192 4    U   A "C1'" 
76  N N1    . U   A 4 ? 0.1099 0.1202 0.1255 0.0076  0.0032  -0.0017 4    U   A N1    
77  C C2    . U   A 4 ? 0.1233 0.1380 0.1321 -0.0072 0.0162  0.0004  4    U   A C2    
78  O O2    . U   A 4 ? 0.1629 0.1531 0.1226 0.0122  0.0078  -0.0055 4    U   A O2    
79  N N3    . U   A 4 ? 0.1422 0.1735 0.1864 -0.0135 0.0146  0.0172  4    U   A N3    
80  C C4    . U   A 4 ? 0.1351 0.1602 0.1774 -0.0030 0.0034  -0.0089 4    U   A C4    
81  O O4    . U   A 4 ? 0.1700 0.1572 0.2365 0.0132  0.0010  0.0246  4    U   A O4    
82  C C5    . U   A 4 ? 0.1298 0.1143 0.1361 -0.0027 0.0105  0.0051  4    U   A C5    
83  C C6    . U   A 4 ? 0.1092 0.1331 0.1361 0.0035  -0.0060 0.0072  4    U   A C6    
84  P P     . U   A 5 ? 0.0864 0.2079 0.1050 0.0054  -0.0078 -0.1170 5    U   A P     
85  O OP1   . U   A 5 ? 0.1771 0.2536 0.2321 0.0207  -0.0153 -0.0603 5    U   A OP1   
86  O OP2   . U   A 5 ? 0.1290 0.2004 0.0978 -0.0352 0.0222  -0.0841 5    U   A OP2   
87  O "O5'" . U   A 5 ? 0.1195 0.1578 0.1108 0.0053  -0.0133 -0.0443 5    U   A "O5'" 
88  C "C5'" . U   A 5 ? 0.1603 0.1505 0.1713 0.0108  -0.0062 -0.0376 5    U   A "C5'" 
89  C "C4'" . U   A 5 ? 0.1262 0.1109 0.1341 -0.0023 -0.0057 -0.0470 5    U   A "C4'" 
90  O "O4'" . U   A 5 ? 0.1224 0.0855 0.1454 0.0015  -0.0043 -0.0252 5    U   A "O4'" 
91  C "C3'" . U   A 5 ? 0.1164 0.1120 0.1046 0.0045  -0.0048 -0.0258 5    U   A "C3'" 
92  O "O3'" . U   A 5 ? 0.1274 0.1115 0.1349 0.0143  -0.0079 -0.0306 5    U   A "O3'" 
93  C "C2'" . U   A 5 ? 0.1138 0.0986 0.0853 0.0025  -0.0137 -0.0105 5    U   A "C2'" 
94  O "O2'" . U   A 5 ? 0.1359 0.0984 0.0969 -0.0072 -0.0130 0.0076  5    U   A "O2'" 
95  C "C1'" . U   A 5 ? 0.1093 0.0783 0.1106 0.0005  -0.0100 -0.0072 5    U   A "C1'" 
96  N N1    . U   A 5 ? 0.0997 0.0994 0.0979 0.0075  -0.0089 -0.0098 5    U   A N1    
97  C C2    . U   A 5 ? 0.1307 0.0954 0.0949 -0.0017 0.0064  -0.0013 5    U   A C2    
98  O O2    . U   A 5 ? 0.1535 0.1127 0.0929 0.0162  0.0004  -0.0058 5    U   A O2    
99  N N3    . U   A 5 ? 0.1148 0.0916 0.0981 -0.0020 -0.0043 -0.0119 5    U   A N3    
100 C C4    . U   A 5 ? 0.1271 0.0965 0.0909 -0.0041 -0.0051 -0.0077 5    U   A C4    
101 O O4    . U   A 5 ? 0.1349 0.1114 0.1053 0.0085  -0.0087 -0.0044 5    U   A O4    
102 C C5    . U   A 5 ? 0.1147 0.1074 0.0999 -0.0022 -0.0059 -0.0098 5    U   A C5    
103 C C6    . U   A 5 ? 0.1008 0.1194 0.1124 -0.0055 -0.0120 -0.0058 5    U   A C6    
104 P P     . G   A 6 ? 0.1297 0.1597 0.1484 0.0084  0.0016  0.0012  6    G   A P     
105 O OP1   . G   A 6 ? 0.1425 0.1783 0.1745 0.0108  -0.0058 -0.0052 6    G   A OP1   
106 O OP2   . G   A 6 ? 0.1887 0.2053 0.1567 0.0003  0.0154  0.0256  6    G   A OP2   
107 O "O5'" . G   A 6 ? 0.1335 0.1235 0.1614 0.0057  -0.0149 0.0011  6    G   A "O5'" 
108 C "C5'" . G   A 6 ? 0.1350 0.1206 0.1373 0.0068  -0.0182 -0.0070 6    G   A "C5'" 
109 C "C4'" . G   A 6 ? 0.1336 0.1103 0.1822 0.0076  -0.0016 -0.0049 6    G   A "C4'" 
110 O "O4'" . G   A 6 ? 0.1378 0.1023 0.2050 0.0020  0.0095  -0.0014 6    G   A "O4'" 
111 C "C3'" . G   A 6 ? 0.1288 0.1050 0.1925 0.0075  -0.0068 -0.0151 6    G   A "C3'" 
112 O "O3'" . G   A 6 ? 0.1510 0.1166 0.1984 0.0038  -0.0005 -0.0399 6    G   A "O3'" 
113 C "C2'" . G   A 6 ? 0.1462 0.1274 0.1813 -0.0039 -0.0018 0.0034  6    G   A "C2'" 
114 O "O2'" . G   A 6 ? 0.2120 0.1646 0.1944 -0.0027 -0.0071 -0.0316 6    G   A "O2'" 
115 C "C1'" . G   A 6 ? 0.1513 0.1242 0.1693 -0.0076 -0.0027 0.0038  6    G   A "C1'" 
116 N N9    . G   A 6 ? 0.1349 0.1366 0.1555 -0.0182 -0.0050 -0.0050 6    G   A N9    
117 C C8    . G   A 6 ? 0.1260 0.1507 0.1388 -0.0033 -0.0038 0.0056  6    G   A C8    
118 N N7    . G   A 6 ? 0.1720 0.1760 0.1757 -0.0034 0.0038  0.0007  6    G   A N7    
119 C C5    . G   A 6 ? 0.1300 0.1442 0.1272 -0.0062 -0.0029 0.0051  6    G   A C5    
120 C C6    . G   A 6 ? 0.1492 0.1688 0.1372 0.0072  -0.0045 -0.0008 6    G   A C6    
121 O O6    . G   A 6 ? 0.1595 0.1748 0.1495 -0.0075 -0.0140 0.0206  6    G   A O6    
122 N N1    . G   A 6 ? 0.1252 0.1542 0.1337 -0.0189 -0.0140 0.0086  6    G   A N1    
123 C C2    . G   A 6 ? 0.1578 0.1548 0.1327 0.0006  -0.0002 0.0087  6    G   A C2    
124 N N2    . G   A 6 ? 0.1526 0.1532 0.1517 -0.0057 -0.0047 -0.0015 6    G   A N2    
125 N N3    . G   A 6 ? 0.1435 0.1304 0.1352 -0.0001 -0.0048 -0.0039 6    G   A N3    
126 C C4    . G   A 6 ? 0.1378 0.1542 0.1449 -0.0086 0.0024  -0.0075 6    G   A C4    
127 P P     . G   A 7 ? 0.1361 0.1548 0.2376 -0.0220 0.0068  -0.0581 7    G   A P     
128 O OP1   . G   A 7 ? 0.1677 0.1982 0.2540 -0.0153 -0.0087 -0.0312 7    G   A OP1   
129 O OP2   . G   A 7 ? 0.1845 0.2011 0.2086 -0.0098 0.0198  -0.0457 7    G   A OP2   
130 O "O5'" . G   A 7 ? 0.1607 0.1342 0.1652 -0.0182 -0.0033 -0.0236 7    G   A "O5'" 
131 C "C5'" . G   A 7 ? 0.1696 0.1294 0.1437 -0.0147 -0.0112 -0.0245 7    G   A "C5'" 
132 C "C4'" . G   A 7 ? 0.1500 0.1326 0.1255 -0.0198 -0.0064 0.0014  7    G   A "C4'" 
133 O "O4'" . G   A 7 ? 0.1533 0.1226 0.1268 -0.0267 0.0076  -0.0077 7    G   A "O4'" 
134 C "C3'" . G   A 7 ? 0.1504 0.1190 0.1155 -0.0328 -0.0173 -0.0002 7    G   A "C3'" 
135 O "O3'" . G   A 7 ? 0.1462 0.1378 0.1392 -0.0387 -0.0255 0.0033  7    G   A "O3'" 
136 C "C2'" . G   A 7 ? 0.1519 0.1135 0.1244 -0.0301 -0.0084 -0.0094 7    G   A "C2'" 
137 O "O2'" . G   A 7 ? 0.1745 0.1143 0.1120 -0.0210 -0.0072 0.0020  7    G   A "O2'" 
138 C "C1'" . G   A 7 ? 0.1627 0.1410 0.1417 -0.0264 0.0034  -0.0142 7    G   A "C1'" 
139 N N9    . G   A 7 ? 0.1539 0.1334 0.1309 -0.0240 0.0029  -0.0202 7    G   A N9    
140 C C8    . G   A 7 ? 0.1777 0.1613 0.1608 -0.0160 0.0099  -0.0135 7    G   A C8    
141 N N7    . G   A 7 ? 0.1800 0.1624 0.1626 -0.0272 0.0102  -0.0333 7    G   A N7    
142 C C5    . G   A 7 ? 0.1472 0.1566 0.1523 -0.0292 -0.0044 -0.0171 7    G   A C5    
143 C C6    . G   A 7 ? 0.1928 0.1756 0.1797 -0.0052 -0.0008 -0.0218 7    G   A C6    
144 O O6    . G   A 7 ? 0.2037 0.1877 0.1589 -0.0141 -0.0101 -0.0185 7    G   A O6    
145 N N1    . G   A 7 ? 0.1892 0.1760 0.1695 -0.0100 0.0024  -0.0139 7    G   A N1    
146 C C2    . G   A 7 ? 0.1779 0.1811 0.1731 -0.0088 -0.0004 -0.0104 7    G   A C2    
147 N N2    . G   A 7 ? 0.1604 0.1517 0.1640 -0.0168 0.0018  -0.0099 7    G   A N2    
148 N N3    . G   A 7 ? 0.1583 0.1374 0.1544 -0.0175 0.0107  -0.0161 7    G   A N3    
149 C C4    . G   A 7 ? 0.1561 0.1450 0.1510 -0.0104 0.0054  -0.0051 7    G   A C4    
150 O "O5'" . C   B 1 ? 0.2589 0.2185 0.2345 -0.0019 -0.0196 0.0046  66   C   B "O5'" 
151 C "C5'" . C   B 1 ? 0.2298 0.2085 0.2017 -0.0122 -0.0065 0.0039  66   C   B "C5'" 
152 C "C4'" . C   B 1 ? 0.2068 0.2008 0.1940 -0.0072 -0.0041 0.0151  66   C   B "C4'" 
153 O "O4'" . C   B 1 ? 0.2055 0.1903 0.1944 -0.0100 0.0031  0.0149  66   C   B "O4'" 
154 C "C3'" . C   B 1 ? 0.2076 0.1944 0.1916 -0.0036 -0.0084 0.0127  66   C   B "C3'" 
155 O "O3'" . C   B 1 ? 0.1871 0.1834 0.1914 -0.0059 -0.0144 0.0231  66   C   B "O3'" 
156 C "C2'" . C   B 1 ? 0.1988 0.1859 0.1961 -0.0118 -0.0042 -0.0087 66   C   B "C2'" 
157 O "O2'" . C   B 1 ? 0.1871 0.1453 0.1789 0.0078  -0.0093 0.0030  66   C   B "O2'" 
158 C "C1'" . C   B 1 ? 0.2056 0.1863 0.1968 -0.0025 -0.0003 0.0083  66   C   B "C1'" 
159 N N1    . C   B 1 ? 0.1977 0.1799 0.1943 -0.0034 -0.0019 -0.0006 66   C   B N1    
160 C C2    . C   B 1 ? 0.1724 0.1996 0.1925 -0.0031 -0.0005 0.0030  66   C   B C2    
161 O O2    . C   B 1 ? 0.2150 0.2191 0.2172 0.0016  -0.0049 -0.0032 66   C   B O2    
162 N N3    . C   B 1 ? 0.2251 0.2262 0.2192 -0.0006 -0.0036 0.0052  66   C   B N3    
163 C C4    . C   B 1 ? 0.2184 0.2016 0.2182 -0.0056 0.0043  -0.0003 66   C   B C4    
164 N N4    . C   B 1 ? 0.2350 0.2069 0.2254 0.0071  -0.0010 -0.0016 66   C   B N4    
165 C C5    . C   B 1 ? 0.2220 0.2150 0.2178 -0.0014 0.0050  0.0014  66   C   B C5    
166 C C6    . C   B 1 ? 0.2160 0.1942 0.1854 -0.0051 -0.0012 0.0105  66   C   B C6    
167 P P     . C   B 2 ? 0.1884 0.2046 0.2000 -0.0059 -0.0086 0.0218  67   C   B P     
168 O OP1   . C   B 2 ? 0.1744 0.2203 0.2305 0.0125  -0.0139 0.0234  67   C   B OP1   
169 O OP2   . C   B 2 ? 0.1700 0.1956 0.2608 -0.0212 0.0255  -0.0097 67   C   B OP2   
170 O "O5'" . C   B 2 ? 0.1941 0.1594 0.1884 -0.0051 0.0080  0.0017  67   C   B "O5'" 
171 C "C5'" . C   B 2 ? 0.2001 0.1831 0.1795 0.0005  -0.0128 0.0033  67   C   B "C5'" 
172 C "C4'" . C   B 2 ? 0.1771 0.1448 0.1614 0.0011  -0.0095 0.0104  67   C   B "C4'" 
173 O "O4'" . C   B 2 ? 0.1845 0.1314 0.1795 0.0056  -0.0148 -0.0004 67   C   B "O4'" 
174 C "C3'" . C   B 2 ? 0.1833 0.1451 0.1773 0.0026  0.0001  0.0084  67   C   B "C3'" 
175 O "O3'" . C   B 2 ? 0.1642 0.1522 0.1950 0.0109  0.0063  0.0164  67   C   B "O3'" 
176 C "C2'" . C   B 2 ? 0.1590 0.1434 0.1395 0.0040  -0.0088 -0.0146 67   C   B "C2'" 
177 O "O2'" . C   B 2 ? 0.2073 0.1721 0.1538 0.0069  -0.0216 -0.0226 67   C   B "O2'" 
178 C "C1'" . C   B 2 ? 0.1762 0.1434 0.1664 0.0050  -0.0142 0.0020  67   C   B "C1'" 
179 N N1    . C   B 2 ? 0.1529 0.1426 0.1369 -0.0079 -0.0131 0.0001  67   C   B N1    
180 C C2    . C   B 2 ? 0.1429 0.1489 0.1528 0.0015  -0.0245 0.0237  67   C   B C2    
181 O O2    . C   B 2 ? 0.1481 0.1654 0.1455 -0.0027 -0.0223 0.0057  67   C   B O2    
182 N N3    . C   B 2 ? 0.1529 0.1858 0.1406 -0.0077 -0.0059 0.0150  67   C   B N3    
183 C C4    . C   B 2 ? 0.1438 0.1480 0.1390 -0.0012 -0.0218 0.0214  67   C   B C4    
184 N N4    . C   B 2 ? 0.1879 0.1547 0.1548 -0.0064 -0.0016 0.0091  67   C   B N4    
185 C C5    . C   B 2 ? 0.1552 0.1530 0.1572 0.0084  0.0018  0.0182  67   C   B C5    
186 C C6    . C   B 2 ? 0.1315 0.1395 0.1360 0.0008  -0.0146 0.0368  67   C   B C6    
187 P P     . A   B 3 ? 0.1420 0.1686 0.2362 0.0082  0.0244  0.0468  68   A   B P     
188 O OP1   . A   B 3 ? 0.1477 0.1280 0.2452 0.0338  0.0135  0.0403  68   A   B OP1   
189 O OP2   . A   B 3 ? 0.1375 0.2144 0.1883 0.0239  -0.0023 0.0625  68   A   B OP2   
190 O "O5'" . A   B 3 ? 0.1524 0.1284 0.1866 0.0052  -0.0021 0.0006  68   A   B "O5'" 
191 C "C5'" . A   B 3 ? 0.1473 0.1172 0.1668 0.0045  -0.0234 -0.0203 68   A   B "C5'" 
192 C "C4'" . A   B 3 ? 0.1349 0.0944 0.1345 0.0024  -0.0110 -0.0141 68   A   B "C4'" 
193 O "O4'" . A   B 3 ? 0.1282 0.0861 0.1439 -0.0122 -0.0144 -0.0197 68   A   B "O4'" 
194 C "C3'" . A   B 3 ? 0.1084 0.1026 0.1287 -0.0039 0.0002  -0.0201 68   A   B "C3'" 
195 O "O3'" . A   B 3 ? 0.1294 0.1121 0.1460 0.0073  0.0198  -0.0448 68   A   B "O3'" 
196 C "C2'" . A   B 3 ? 0.1072 0.1202 0.1045 0.0011  -0.0095 -0.0145 68   A   B "C2'" 
197 O "O2'" . A   B 3 ? 0.1386 0.1191 0.1009 -0.0185 -0.0046 -0.0359 68   A   B "O2'" 
198 C "C1'" . A   B 3 ? 0.1297 0.0899 0.1135 -0.0067 -0.0114 -0.0149 68   A   B "C1'" 
199 N N9    . A   B 3 ? 0.1128 0.0845 0.1077 -0.0067 0.0008  -0.0119 68   A   B N9    
200 C C8    . A   B 3 ? 0.1250 0.0841 0.0992 -0.0091 -0.0006 -0.0040 68   A   B C8    
201 N N7    . A   B 3 ? 0.0967 0.0897 0.0984 -0.0068 -0.0023 -0.0030 68   A   B N7    
202 C C5    . A   B 3 ? 0.1021 0.0783 0.0992 -0.0064 -0.0022 0.0014  68   A   B C5    
203 C C6    . A   B 3 ? 0.0988 0.0825 0.1004 -0.0134 0.0025  0.0024  68   A   B C6    
204 N N6    . A   B 3 ? 0.1291 0.0903 0.0952 -0.0095 -0.0027 0.0008  68   A   B N6    
205 N N1    . A   B 3 ? 0.1205 0.0867 0.0985 -0.0044 -0.0020 -0.0013 68   A   B N1    
206 C C2    . A   B 3 ? 0.1151 0.0768 0.1046 -0.0114 -0.0048 -0.0012 68   A   B C2    
207 N N3    . A   B 3 ? 0.1096 0.0921 0.1175 -0.0011 -0.0063 -0.0097 68   A   B N3    
208 C C4    . A   B 3 ? 0.1085 0.0768 0.1011 -0.0070 -0.0026 0.0055  68   A   B C4    
209 P P     . A   B 4 ? 0.1384 0.1408 0.1581 -0.0042 0.0239  -0.0536 69   A   B P     
210 O OP1   . A   B 4 ? 0.1906 0.1731 0.1537 -0.0071 0.0407  -0.0407 69   A   B OP1   
211 O OP2   . A   B 4 ? 0.1348 0.1493 0.1868 0.0072  -0.0003 -0.0239 69   A   B OP2   
212 O "O5'" . A   B 4 ? 0.1445 0.1191 0.1260 -0.0051 0.0023  -0.0362 69   A   B "O5'" 
213 C "C5'" . A   B 4 ? 0.1460 0.1437 0.1354 -0.0177 -0.0101 -0.0153 69   A   B "C5'" 
214 C "C4'" . A   B 4 ? 0.1584 0.1309 0.1201 -0.0198 0.0000  -0.0064 69   A   B "C4'" 
215 O "O4'" . A   B 4 ? 0.1398 0.1198 0.1335 -0.0259 -0.0025 -0.0053 69   A   B "O4'" 
216 C "C3'" . A   B 4 ? 0.1543 0.1282 0.1185 -0.0185 -0.0013 -0.0078 69   A   B "C3'" 
217 O "O3'" . A   B 4 ? 0.1828 0.1372 0.1229 -0.0168 0.0011  -0.0042 69   A   B "O3'" 
218 C "C2'" . A   B 4 ? 0.1319 0.1336 0.1176 -0.0088 -0.0062 0.0127  69   A   B "C2'" 
219 O "O2'" . A   B 4 ? 0.1694 0.1702 0.1691 -0.0035 -0.0214 0.0311  69   A   B "O2'" 
220 C "C1'" . A   B 4 ? 0.1424 0.1371 0.1432 -0.0119 -0.0003 0.0008  69   A   B "C1'" 
221 N N9    . A   B 4 ? 0.1129 0.1167 0.1169 -0.0135 0.0120  0.0050  69   A   B N9    
222 C C8    . A   B 4 ? 0.1203 0.1289 0.1394 -0.0206 -0.0054 0.0125  69   A   B C8    
223 N N7    . A   B 4 ? 0.1215 0.1384 0.1523 -0.0199 0.0010  0.0110  69   A   B N7    
224 C C5    . A   B 4 ? 0.1315 0.1508 0.1526 -0.0312 0.0077  0.0064  69   A   B C5    
225 C C6    . A   B 4 ? 0.1400 0.1549 0.1700 -0.0038 0.0017  0.0026  69   A   B C6    
226 N N6    . A   B 4 ? 0.1511 0.1887 0.1634 -0.0248 -0.0047 0.0268  69   A   B N6    
227 N N1    . A   B 4 ? 0.1719 0.1713 0.1724 0.0086  0.0115  0.0080  69   A   B N1    
228 C C2    . A   B 4 ? 0.1510 0.1647 0.1441 0.0039  0.0055  -0.0009 69   A   B C2    
229 N N3    . A   B 4 ? 0.1229 0.1390 0.1383 -0.0001 0.0002  0.0001  69   A   B N3    
230 C C4    . A   B 4 ? 0.1400 0.1307 0.1585 -0.0001 0.0055  -0.0019 69   A   B C4    
231 P P     . C   B 5 ? 0.1885 0.1395 0.1226 -0.0022 0.0117  -0.0001 70   C   B P     
232 O OP1   . C   B 5 ? 0.2244 0.1871 0.1445 -0.0064 0.0234  -0.0042 70   C   B OP1   
233 O OP2   . C   B 5 ? 0.1816 0.1366 0.1444 0.0099  0.0355  -0.0074 70   C   B OP2   
234 O "O5'" . C   B 5 ? 0.1454 0.1314 0.1025 -0.0054 -0.0057 -0.0008 70   C   B "O5'" 
235 C "C5'" . C   B 5 ? 0.1484 0.1280 0.1118 -0.0005 -0.0140 0.0110  70   C   B "C5'" 
236 C "C4'" . C   B 5 ? 0.1368 0.1253 0.1033 -0.0148 -0.0198 0.0138  70   C   B "C4'" 
237 O "O4'" . C   B 5 ? 0.1360 0.1315 0.1149 -0.0113 -0.0175 0.0103  70   C   B "O4'" 
238 C "C3'" . C   B 5 ? 0.1227 0.1314 0.1102 -0.0148 -0.0073 0.0049  70   C   B "C3'" 
239 O "O3'" . C   B 5 ? 0.1474 0.1295 0.1087 -0.0170 -0.0128 0.0172  70   C   B "O3'" 
240 C "C2'" . C   B 5 ? 0.1493 0.1255 0.1166 -0.0033 -0.0038 0.0101  70   C   B "C2'" 
241 O "O2'" . C   B 5 ? 0.1430 0.1320 0.1432 0.0129  -0.0185 0.0013  70   C   B "O2'" 
242 C "C1'" . C   B 5 ? 0.1347 0.1332 0.1179 -0.0045 -0.0146 0.0046  70   C   B "C1'" 
243 N N1    . C   B 5 ? 0.1151 0.1214 0.0950 0.0011  -0.0041 -0.0001 70   C   B N1    
244 C C2    . C   B 5 ? 0.1234 0.1395 0.1094 0.0023  0.0110  -0.0036 70   C   B C2    
245 O O2    . C   B 5 ? 0.1698 0.1533 0.1069 0.0327  0.0069  -0.0071 70   C   B O2    
246 N N3    . C   B 5 ? 0.1070 0.1240 0.1002 0.0039  0.0121  0.0000  70   C   B N3    
247 C C4    . C   B 5 ? 0.1209 0.1243 0.1125 -0.0139 -0.0086 -0.0014 70   C   B C4    
248 N N4    . C   B 5 ? 0.1074 0.1096 0.0848 -0.0169 -0.0052 -0.0047 70   C   B N4    
249 C C5    . C   B 5 ? 0.1122 0.1233 0.0991 -0.0062 0.0033  0.0029  70   C   B C5    
250 C C6    . C   B 5 ? 0.1150 0.1262 0.1134 -0.0084 -0.0025 0.0079  70   C   B C6    
251 P P     . G   B 6 ? 0.1589 0.1253 0.1155 -0.0120 -0.0132 0.0143  71   G   B P     
252 O OP1   . G   B 6 ? 0.1755 0.1564 0.1250 -0.0235 -0.0057 0.0173  71   G   B OP1   
253 O OP2   . G   B 6 ? 0.1579 0.1131 0.1242 0.0033  0.0092  -0.0004 71   G   B OP2   
254 O "O5'" . G   B 6 ? 0.1617 0.1099 0.0963 -0.0014 -0.0173 0.0076  71   G   B "O5'" 
255 C "C5'" . G   B 6 ? 0.1627 0.1258 0.1240 0.0127  -0.0161 0.0108  71   G   B "C5'" 
256 C "C4'" . G   B 6 ? 0.1422 0.1041 0.1292 0.0017  -0.0150 0.0021  71   G   B "C4'" 
257 O "O4'" . G   B 6 ? 0.1460 0.1383 0.0998 0.0034  -0.0226 0.0150  71   G   B "O4'" 
258 C "C3'" . G   B 6 ? 0.1479 0.1133 0.1225 -0.0005 -0.0198 0.0155  71   G   B "C3'" 
259 O "O3'" . G   B 6 ? 0.1482 0.1314 0.1400 -0.0084 -0.0307 0.0268  71   G   B "O3'" 
260 C "C2'" . G   B 6 ? 0.1416 0.1015 0.1202 0.0052  -0.0136 0.0008  71   G   B "C2'" 
261 O "O2'" . G   B 6 ? 0.1756 0.1187 0.1470 0.0257  -0.0281 0.0005  71   G   B "O2'" 
262 C "C1'" . G   B 6 ? 0.1268 0.1294 0.1106 0.0089  -0.0132 0.0182  71   G   B "C1'" 
263 N N9    . G   B 6 ? 0.1199 0.1250 0.1006 0.0066  -0.0147 0.0169  71   G   B N9    
264 C C8    . G   B 6 ? 0.1253 0.1356 0.1141 0.0022  -0.0085 0.0140  71   G   B C8    
265 N N7    . G   B 6 ? 0.1120 0.1266 0.0902 -0.0001 -0.0032 -0.0026 71   G   B N7    
266 C C5    . G   B 6 ? 0.1063 0.1249 0.0931 -0.0071 -0.0093 0.0028  71   G   B C5    
267 C C6    . G   B 6 ? 0.1052 0.1090 0.1021 0.0013  -0.0136 0.0035  71   G   B C6    
268 O O6    . G   B 6 ? 0.1280 0.1263 0.1147 0.0059  -0.0150 0.0044  71   G   B O6    
269 N N1    . G   B 6 ? 0.1066 0.1207 0.1085 0.0099  -0.0093 0.0005  71   G   B N1    
270 C C2    . G   B 6 ? 0.1215 0.1155 0.1035 0.0043  -0.0132 0.0060  71   G   B C2    
271 N N2    . G   B 6 ? 0.1196 0.1318 0.0962 0.0030  -0.0109 0.0077  71   G   B N2    
272 N N3    . G   B 6 ? 0.1300 0.1148 0.1124 -0.0053 -0.0179 0.0069  71   G   B N3    
273 C C4    . G   B 6 ? 0.0995 0.1252 0.0910 -0.0114 -0.0158 0.0119  71   G   B C4    
274 P P     . C   B 7 ? 0.1754 0.1719 0.1713 -0.0180 -0.0276 0.0396  72   C   B P     
275 O OP1   . C   B 7 ? 0.1808 0.1895 0.1805 -0.0134 -0.0220 0.0434  72   C   B OP1   
276 O OP2   . C   B 7 ? 0.1665 0.1745 0.1643 0.0076  -0.0174 0.0118  72   C   B OP2   
277 O "O5'" . C   B 7 ? 0.1699 0.1621 0.1918 0.0014  -0.0254 0.0230  72   C   B "O5'" 
278 C "C5'" . C   B 7 ? 0.1632 0.1580 0.1648 0.0117  -0.0264 0.0230  72   C   B "C5'" 
279 C "C4'" . C   B 7 ? 0.1466 0.1595 0.1610 0.0078  -0.0253 0.0289  72   C   B "C4'" 
280 O "O4'" . C   B 7 ? 0.1391 0.1760 0.1830 0.0092  -0.0364 0.0339  72   C   B "O4'" 
281 C "C3'" . C   B 7 ? 0.1459 0.1636 0.1594 -0.0045 -0.0238 0.0281  72   C   B "C3'" 
282 O "O3'" . C   B 7 ? 0.1500 0.1601 0.1777 -0.0177 -0.0314 0.0378  72   C   B "O3'" 
283 C "C2'" . C   B 7 ? 0.1480 0.1595 0.1603 -0.0062 -0.0134 0.0218  72   C   B "C2'" 
284 O "O2'" . C   B 7 ? 0.1687 0.1672 0.1717 0.0101  -0.0245 0.0055  72   C   B "O2'" 
285 C "C1'" . C   B 7 ? 0.1296 0.1804 0.1587 -0.0027 -0.0202 0.0221  72   C   B "C1'" 
286 N N1    . C   B 7 ? 0.1076 0.1768 0.1761 0.0004  -0.0118 0.0134  72   C   B N1    
287 C C2    . C   B 7 ? 0.1117 0.1797 0.1706 0.0010  -0.0139 0.0125  72   C   B C2    
288 O O2    . C   B 7 ? 0.1610 0.2130 0.1790 -0.0084 0.0041  0.0160  72   C   B O2    
289 N N3    . C   B 7 ? 0.1267 0.2075 0.1887 -0.0128 0.0070  0.0151  72   C   B N3    
290 C C4    . C   B 7 ? 0.1301 0.2046 0.1991 -0.0098 -0.0005 0.0069  72   C   B C4    
291 N N4    . C   B 7 ? 0.1743 0.2059 0.2152 -0.0152 -0.0022 -0.0010 72   C   B N4    
292 C C5    . C   B 7 ? 0.1335 0.1920 0.1878 -0.0045 -0.0074 0.0100  72   C   B C5    
293 C C6    . C   B 7 ? 0.1178 0.1881 0.1797 -0.0006 -0.0132 0.0092  72   C   B C6    
294 O O     . HOH C . ? 0.5621 0.5555 0.5607 -0.0043 0.0053  -0.0019 2001 HOH A O     
295 O O     . HOH C . ? 0.1884 0.2030 0.3199 0.0154  -0.0111 0.0357  2002 HOH A O     
296 O O     . HOH C . ? 0.2828 0.2844 0.2684 -0.0362 -0.0024 0.0309  2003 HOH A O     
297 O O     . HOH C . ? 0.3034 0.2932 0.2906 0.0141  -0.0162 0.0272  2004 HOH A O     
298 O O     . HOH C . ? 0.4571 0.4474 0.4458 -0.0088 -0.0006 -0.0064 2005 HOH A O     
299 O O     . HOH C . ? 0.4077 0.4194 0.4169 0.0044  -0.0118 -0.0007 2006 HOH A O     
300 O O     . HOH C . ? 0.4657 0.4858 0.4817 0.0095  -0.0009 -0.0028 2007 HOH A O     
301 O O     . HOH C . ? 0.5064 0.4980 0.5142 -0.0067 0.0001  0.0042  2008 HOH A O     
302 O O     . HOH C . ? 0.4958 0.4858 0.5040 0.0032  0.0007  0.0000  2009 HOH A O     
303 O O     . HOH C . ? 0.4582 0.4465 0.4555 0.0007  0.0102  -0.0075 2010 HOH A O     
304 O O     . HOH C . ? 0.2697 0.2025 0.1960 0.0392  -0.0577 -0.0389 2011 HOH A O     
305 O O     . HOH C . ? 0.3392 0.2938 0.3337 0.0025  -0.0053 0.0007  2012 HOH A O     
306 O O     . HOH C . ? 0.3038 0.2583 0.3041 0.0151  -0.0180 -0.0307 2013 HOH A O     
307 O O     . HOH C . ? 0.5596 0.5576 0.5498 0.0014  0.0003  0.0010  2014 HOH A O     
308 O O     . HOH C . ? 0.4858 0.4752 0.4773 -0.0094 0.0054  0.0008  2015 HOH A O     
309 O O     . HOH C . ? 0.2779 0.2646 0.2649 -0.0298 -0.0104 0.0244  2016 HOH A O     
310 O O     . HOH C . ? 0.1746 0.1724 0.1463 0.0045  -0.0276 -0.0042 2017 HOH A O     
311 O O     . HOH C . ? 0.4287 0.4094 0.4014 -0.0019 -0.0035 -0.0038 2018 HOH A O     
312 O O     . HOH C . ? 0.4514 0.4474 0.4422 0.0025  -0.0056 -0.0003 2019 HOH A O     
313 O O     . HOH C . ? 0.2971 0.3147 0.3186 0.0082  -0.0069 0.0135  2020 HOH A O     
314 O O     . HOH C . ? 0.3348 0.3350 0.3781 0.0027  0.0023  0.0497  2021 HOH A O     
315 O O     . HOH C . ? 0.2794 0.2530 0.2692 0.0200  -0.0364 -0.0055 2022 HOH A O     
316 O O     . HOH C . ? 0.2358 0.2043 0.2797 0.0058  -0.0172 -0.0308 2023 HOH A O     
317 O O     . HOH C . ? 0.3166 0.2163 0.1815 0.0028  -0.0349 -0.0157 2024 HOH A O     
318 O O     . HOH C . ? 0.2498 0.2368 0.2545 0.0662  -0.0125 0.0144  2025 HOH A O     
319 O O     . HOH C . ? 0.3265 0.3161 0.3075 -0.0009 -0.0118 0.0071  2026 HOH A O     
320 O O     . HOH C . ? 0.3512 0.3542 0.3376 -0.0053 0.0138  -0.0073 2027 HOH A O     
321 O O     . HOH C . ? 0.2468 0.1919 0.1858 -0.0242 -0.0417 0.0101  2028 HOH A O     
322 O O     . HOH C . ? 0.3785 0.3707 0.3390 -0.0115 0.0050  -0.0075 2029 HOH A O     
323 O O     . HOH C . ? 0.4012 0.4232 0.4326 -0.0037 -0.0056 -0.0025 2030 HOH A O     
324 O O     . HOH C . ? 0.1727 0.1113 0.0986 0.0222  0.0020  0.0053  2031 HOH A O     
325 O O     . HOH C . ? 0.3838 0.3668 0.3780 0.0134  0.0140  0.0098  2032 HOH A O     
326 O O     . HOH C . ? 0.2780 0.2383 0.2006 0.0178  -0.0014 0.0094  2033 HOH A O     
327 O O     . HOH C . ? 0.2739 0.2768 0.2644 -0.0165 -0.0201 -0.0310 2034 HOH A O     
328 O O     . HOH C . ? 0.3840 0.4011 0.4089 0.0080  -0.0014 0.0150  2035 HOH A O     
329 O O     . HOH C . ? 0.4157 0.4399 0.4347 -0.0003 -0.0003 0.0095  2036 HOH A O     
330 O O     . HOH C . ? 0.3820 0.3767 0.4055 -0.0074 0.0088  0.0109  2037 HOH A O     
331 O O     . HOH C . ? 0.3085 0.2761 0.3004 -0.0185 0.0044  0.0117  2038 HOH A O     
332 O O     . HOH C . ? 0.2290 0.1439 0.1225 0.0095  0.0174  -0.0090 2039 HOH A O     
333 O O     . HOH C . ? 0.3876 0.4015 0.4188 -0.0052 0.0047  0.0078  2040 HOH A O     
334 O O     . HOH C . ? 0.3738 0.3733 0.3718 -0.0075 0.0130  0.0052  2041 HOH A O     
335 O O     . HOH C . ? 0.3046 0.3053 0.2907 0.0043  -0.0009 0.0210  2042 HOH A O     
336 O O     . HOH C . ? 0.1654 0.0844 0.1394 0.0067  -0.0179 0.0008  2043 HOH A O     
337 O O     . HOH D . ? 0.4361 0.4127 0.4182 -0.0179 -0.0030 -0.0122 2001 HOH B O     
338 O O     . HOH D . ? 0.4908 0.4912 0.4873 0.0010  -0.0019 0.0103  2002 HOH B O     
339 O O     . HOH D . ? 0.5127 0.5227 0.5136 -0.0012 0.0003  0.0050  2003 HOH B O     
340 O O     . HOH D . ? 0.3123 0.2473 0.2458 -0.0056 0.0036  0.0016  2004 HOH B O     
341 O O     . HOH D . ? 0.4519 0.4355 0.4220 -0.0036 -0.0028 -0.0035 2005 HOH B O     
342 O O     . HOH D . ? 0.2609 0.2619 0.2340 0.0062  -0.0145 -0.0092 2006 HOH B O     
343 O O     . HOH D . ? 0.5978 0.5988 0.6040 0.0016  0.0014  0.0035  2007 HOH B O     
344 O O     . HOH D . ? 0.3588 0.3491 0.3711 -0.0026 0.0015  0.0219  2008 HOH B O     
345 O O     . HOH D . ? 0.3886 0.4015 0.3857 0.0036  -0.0156 -0.0008 2009 HOH B O     
346 O O     . HOH D . ? 0.3012 0.3160 0.3171 0.0090  0.0038  0.0142  2010 HOH B O     
347 O O     . HOH D . ? 0.2602 0.2030 0.1595 -0.0162 0.0150  -0.0403 2011 HOH B O     
348 O O     . HOH D . ? 0.3472 0.3196 0.3528 -0.0160 0.0059  0.0115  2012 HOH B O     
349 O O     . HOH D . ? 0.2504 0.2541 0.2611 0.0219  -0.0196 -0.0204 2013 HOH B O     
350 O O     . HOH D . ? 0.2518 0.2124 0.2498 -0.0049 0.0004  0.0134  2014 HOH B O     
351 O O     . HOH D . ? 0.2222 0.2217 0.2165 -0.0252 -0.0428 0.0100  2015 HOH B O     
352 O O     . HOH D . ? 0.2657 0.2454 0.2648 0.0083  -0.0030 0.0095  2016 HOH B O     
353 O O     . HOH D . ? 0.4453 0.4535 0.4588 0.0019  0.0027  0.0043  2017 HOH B O     
354 O O     . HOH D . ? 0.4338 0.4415 0.4268 -0.0001 -0.0006 -0.0041 2018 HOH B O     
355 O O     . HOH D . ? 0.3147 0.3358 0.3201 -0.0059 -0.0029 -0.0144 2019 HOH B O     
356 O O     . HOH D . ? 0.4197 0.4111 0.4300 0.0011  -0.0077 0.0006  2020 HOH B O     
357 O O     . HOH D . ? 0.2452 0.2033 0.2341 0.0259  -0.0261 -0.0264 2021 HOH B O     
358 O O     . HOH D . ? 0.2277 0.2037 0.2271 -0.0164 0.0260  -0.0360 2022 HOH B O     
359 O O     . HOH D . ? 0.2432 0.2031 0.2349 -0.0003 -0.0250 0.0164  2023 HOH B O     
360 O O     . HOH D . ? 0.2731 0.2612 0.2542 -0.0048 -0.0046 -0.0401 2024 HOH B O     
361 O O     . HOH D . ? 0.3972 0.3895 0.3713 -0.0061 -0.0012 0.0152  2025 HOH B O     
362 O O     . HOH D . ? 0.2575 0.2519 0.2448 0.0420  -0.0076 0.0481  2026 HOH B O     
363 O O     . HOH D . ? 0.6043 0.6014 0.5995 -0.0031 -0.0018 -0.0018 2027 HOH B O     
364 O O     . HOH D . ? 0.2623 0.2756 0.2131 0.0217  -0.0309 0.0264  2028 HOH B O     
365 O O     . HOH D . ? 0.4136 0.4103 0.4226 0.0047  -0.0037 0.0011  2029 HOH B O     
366 O O     . HOH D . ? 0.2023 0.1913 0.1875 0.0273  -0.0232 -0.0359 2030 HOH B O     
367 O O     . HOH D . ? 0.2353 0.1752 0.1695 0.0005  -0.0287 -0.0157 2031 HOH B O     
368 O O     . HOH D . ? 0.2045 0.2072 0.2052 -0.0001 -0.0115 0.0276  2032 HOH B O     
369 O O     . HOH D . ? 0.4544 0.4567 0.4536 0.0088  -0.0113 -0.0096 2033 HOH B O     
370 O O     . HOH D . ? 0.2885 0.3347 0.3237 -0.0012 0.0012  -0.0005 2034 HOH B O     
371 O O     . HOH D . ? 0.4935 0.4971 0.5017 -0.0047 0.0029  0.0019  2035 HOH B O     
372 O O     . HOH D . ? 0.2991 0.2786 0.2643 -0.0238 -0.0444 -0.0213 2036 HOH B O     
373 O O     . HOH D . ? 0.3204 0.3236 0.3297 -0.0153 0.0059  0.0072  2037 HOH B O     
374 O O     . HOH D . ? 0.3972 0.3773 0.3736 -0.0039 0.0031  0.0103  2038 HOH B O     
375 O O     . HOH D . ? 0.3180 0.2950 0.2878 0.0092  0.0053  0.0004  2039 HOH B O     
376 O O     . HOH D . ? 0.1714 0.1802 0.2330 0.0055  -0.0305 0.0271  2040 HOH B O     
377 O O     . HOH D . ? 0.2272 0.1623 0.1982 -0.0250 -0.0073 -0.0101 2041 HOH B O     
378 O O     . HOH D . ? 0.2248 0.2146 0.1979 0.0353  -0.0172 -0.0020 2042 HOH B O     
# 
